data_9KSA
#
_entry.id   9KSA
#
_cell.length_a   104.596
_cell.length_b   58.701
_cell.length_c   105.855
_cell.angle_alpha   90.00
_cell.angle_beta   104.79
_cell.angle_gamma   90.00
#
_symmetry.space_group_name_H-M   'P 1 21 1'
#
loop_
_entity.id
_entity.type
_entity.pdbx_description
1 polymer Beta-lactamase
2 non-polymer '2-oxidanyl-7-(pyrazol-1-ylmethyl)-3~{H}-1,4,2-benzodioxaborinine-8-carboxylic acid'
3 water water
#
_entity_poly.entity_id   1
_entity_poly.type   'polypeptide(L)'
_entity_poly.pdbx_seq_one_letter_code
;EWQENKSWNAHFTEHKSQGVVVLWNENKQQGFTNNLKRANQAFLPASTF(KCX)IPNSLIALDLGVVKDEHQVFKWDGQT
RDIATWNRDHNLITAMKYSVVPVYQEFARQIGEARMSKMLHAFDYGNEDISGNVDSFWLDGGIRISATEQISFLRKLYHN
KLHVSERSQRIVKQAMLTEANGDYIIRAKTGYSTRIEPKIGWWVGWVELDDNVWFFAMNMDMPTSDGLGLRQAITKEVLK
QEKIIP
;
_entity_poly.pdbx_strand_id   A,B,C,D
#
# COMPACT_ATOMS: atom_id res chain seq x y z
N GLU A 1 -3.57 9.27 13.46
CA GLU A 1 -2.23 8.71 13.38
C GLU A 1 -2.20 7.47 12.48
N TRP A 2 -3.10 6.49 12.67
CA TRP A 2 -3.20 5.31 11.78
C TRP A 2 -4.63 5.01 11.38
N GLN A 3 -4.83 4.77 10.07
CA GLN A 3 -6.10 4.38 9.47
C GLN A 3 -5.90 3.16 8.58
N GLU A 4 -6.88 2.28 8.61
CA GLU A 4 -6.91 1.11 7.74
C GLU A 4 -7.86 1.38 6.57
N ASN A 5 -7.43 1.02 5.37
CA ASN A 5 -8.21 1.19 4.13
C ASN A 5 -8.19 -0.15 3.39
N LYS A 6 -9.21 -0.95 3.60
CA LYS A 6 -9.29 -2.29 3.04
C LYS A 6 -9.70 -2.29 1.58
N SER A 7 -10.07 -1.13 1.04
CA SER A 7 -10.31 -1.11 -0.39
C SER A 7 -9.02 -1.47 -1.13
N TRP A 8 -7.85 -1.15 -0.56
CA TRP A 8 -6.60 -1.47 -1.25
C TRP A 8 -6.38 -2.98 -1.42
N ASN A 9 -7.16 -3.85 -0.73
CA ASN A 9 -7.00 -5.29 -0.91
C ASN A 9 -7.32 -5.72 -2.33
N ALA A 10 -8.13 -4.94 -3.04
CA ALA A 10 -8.50 -5.28 -4.41
C ALA A 10 -7.27 -5.45 -5.28
N HIS A 11 -6.23 -4.63 -5.04
CA HIS A 11 -4.98 -4.69 -5.81
C HIS A 11 -4.19 -5.96 -5.54
N PHE A 12 -4.19 -6.48 -4.32
CA PHE A 12 -3.58 -7.80 -4.08
C PHE A 12 -4.46 -8.91 -4.65
N THR A 13 -5.78 -8.82 -4.41
CA THR A 13 -6.71 -9.85 -4.90
C THR A 13 -6.56 -10.08 -6.40
N GLU A 14 -6.73 -9.03 -7.19
CA GLU A 14 -6.76 -9.18 -8.64
C GLU A 14 -5.47 -9.76 -9.21
N HIS A 15 -4.41 -9.87 -8.40
CA HIS A 15 -3.15 -10.47 -8.82
C HIS A 15 -2.94 -11.82 -8.18
N LYS A 16 -3.92 -12.28 -7.43
CA LYS A 16 -3.82 -13.53 -6.68
C LYS A 16 -2.60 -13.48 -5.76
N SER A 17 -2.64 -12.55 -4.80
CA SER A 17 -1.47 -12.24 -4.00
C SER A 17 -1.90 -11.86 -2.58
N GLN A 18 -1.02 -12.11 -1.62
CA GLN A 18 -1.21 -11.67 -0.24
C GLN A 18 -0.06 -10.76 0.22
N GLY A 19 -0.39 -9.62 0.82
CA GLY A 19 0.64 -8.73 1.35
C GLY A 19 0.06 -7.47 1.96
N VAL A 20 0.97 -6.52 2.19
CA VAL A 20 0.67 -5.29 2.91
C VAL A 20 1.44 -4.13 2.28
N VAL A 21 0.78 -2.98 2.20
CA VAL A 21 1.38 -1.71 1.87
C VAL A 21 1.08 -0.75 3.00
N VAL A 22 2.11 0.01 3.41
CA VAL A 22 2.00 1.03 4.44
C VAL A 22 2.51 2.33 3.83
N LEU A 23 1.79 3.44 4.11
CA LEU A 23 2.10 4.79 3.68
C LEU A 23 2.13 5.75 4.88
N TRP A 24 2.91 6.81 4.77
CA TRP A 24 3.02 7.86 5.79
C TRP A 24 3.16 9.22 5.09
N ASN A 25 2.20 10.12 5.36
CA ASN A 25 2.13 11.50 4.84
C ASN A 25 2.90 12.42 5.78
N GLU A 26 4.05 12.97 5.33
CA GLU A 26 4.95 13.63 6.28
C GLU A 26 4.42 15.01 6.71
N ASN A 27 3.91 15.81 5.77
CA ASN A 27 3.31 17.10 6.14
C ASN A 27 2.22 16.94 7.19
N LYS A 28 1.32 15.97 7.01
CA LYS A 28 0.19 15.84 7.92
C LYS A 28 0.45 14.89 9.08
N GLN A 29 1.54 14.13 9.03
CA GLN A 29 1.84 13.13 10.06
C GLN A 29 0.69 12.11 10.25
N GLN A 30 0.33 11.40 9.17
CA GLN A 30 -0.77 10.45 9.15
C GLN A 30 -0.31 9.21 8.41
N GLY A 31 -0.68 8.04 8.93
CA GLY A 31 -0.33 6.75 8.34
C GLY A 31 -1.56 6.00 7.86
N PHE A 32 -1.36 5.11 6.86
CA PHE A 32 -2.41 4.41 6.11
C PHE A 32 -1.89 3.03 5.71
N THR A 33 -2.77 2.03 5.76
CA THR A 33 -2.41 0.66 5.39
C THR A 33 -3.66 -0.14 5.13
N ASN A 34 -3.50 -1.23 4.34
CA ASN A 34 -4.61 -2.13 4.08
C ASN A 34 -4.85 -3.17 5.17
N ASN A 35 -3.82 -3.45 6.02
CA ASN A 35 -3.86 -4.57 6.99
C ASN A 35 -2.98 -4.21 8.20
N LEU A 36 -3.61 -3.69 9.27
CA LEU A 36 -2.80 -3.19 10.39
C LEU A 36 -2.02 -4.30 11.10
N LYS A 37 -2.54 -5.53 11.12
CA LYS A 37 -1.77 -6.60 11.75
C LYS A 37 -0.49 -6.90 10.99
N ARG A 38 -0.61 -7.18 9.68
CA ARG A 38 0.60 -7.55 8.92
C ARG A 38 1.56 -6.35 8.83
N ALA A 39 1.04 -5.13 8.88
CA ALA A 39 1.92 -3.97 8.88
C ALA A 39 2.87 -4.01 10.09
N ASN A 40 2.48 -4.68 11.17
CA ASN A 40 3.23 -4.70 12.42
C ASN A 40 3.79 -6.10 12.75
N GLN A 41 3.88 -6.99 11.77
CA GLN A 41 4.63 -8.22 11.96
C GLN A 41 6.06 -8.10 11.41
N ALA A 42 6.98 -8.81 12.06
CA ALA A 42 8.41 -8.78 11.75
C ALA A 42 8.85 -9.93 10.83
N PHE A 43 9.67 -9.59 9.83
CA PHE A 43 10.26 -10.53 8.88
C PHE A 43 11.78 -10.31 8.77
N LEU A 44 12.52 -11.24 8.16
CA LEU A 44 13.92 -10.96 7.82
C LEU A 44 14.00 -9.77 6.86
N PRO A 45 14.95 -8.83 7.08
CA PRO A 45 15.11 -7.69 6.14
C PRO A 45 15.62 -8.09 4.75
N ALA A 46 16.40 -9.19 4.64
CA ALA A 46 17.08 -9.54 3.40
C ALA A 46 17.84 -8.34 2.81
N SER A 47 17.80 -8.13 1.48
CA SER A 47 18.59 -7.08 0.85
C SER A 47 18.14 -5.65 1.16
N THR A 48 16.98 -5.43 1.82
CA THR A 48 16.72 -4.07 2.34
C THR A 48 17.74 -3.68 3.41
N PHE A 49 18.48 -4.64 3.96
CA PHE A 49 19.56 -4.39 4.98
C PHE A 49 20.79 -3.70 4.37
N ILE A 51 20.77 -0.79 2.99
CA ILE A 51 20.78 0.65 3.49
C ILE A 51 21.60 0.85 4.77
N PRO A 52 21.23 0.22 5.90
CA PRO A 52 22.07 0.45 7.08
C PRO A 52 23.52 -0.07 6.93
N ASN A 53 23.71 -1.21 6.25
CA ASN A 53 25.05 -1.76 6.08
C ASN A 53 25.93 -0.81 5.26
N SER A 54 25.37 -0.17 4.23
CA SER A 54 26.09 0.92 3.54
C SER A 54 26.44 2.06 4.48
N LEU A 55 25.47 2.57 5.25
CA LEU A 55 25.77 3.68 6.14
C LEU A 55 26.96 3.35 7.05
N ILE A 56 26.96 2.16 7.65
CA ILE A 56 27.98 1.82 8.64
C ILE A 56 29.36 1.72 7.98
N ALA A 57 29.41 1.14 6.79
CA ALA A 57 30.70 0.94 6.14
C ALA A 57 31.35 2.26 5.73
N LEU A 58 30.54 3.18 5.19
CA LEU A 58 31.03 4.52 4.85
C LEU A 58 31.51 5.27 6.09
N ASP A 59 30.71 5.29 7.15
CA ASP A 59 31.14 6.03 8.33
C ASP A 59 32.44 5.50 8.94
N LEU A 60 32.89 4.31 8.55
CA LEU A 60 34.08 3.69 9.12
C LEU A 60 35.25 3.67 8.15
N GLY A 61 35.07 4.08 6.91
CA GLY A 61 36.11 4.03 5.92
C GLY A 61 36.22 2.75 5.12
N VAL A 62 35.57 1.67 5.53
CA VAL A 62 35.57 0.49 4.68
C VAL A 62 35.27 0.85 3.24
N VAL A 63 34.31 1.75 3.03
CA VAL A 63 34.01 2.28 1.70
C VAL A 63 34.40 3.75 1.74
N LYS A 64 35.20 4.20 0.77
CA LYS A 64 35.78 5.54 0.86
C LYS A 64 34.88 6.57 0.18
N ASP A 65 34.34 6.23 -1.00
CA ASP A 65 33.27 6.99 -1.64
C ASP A 65 32.50 6.05 -2.60
N GLU A 66 31.62 6.64 -3.42
CA GLU A 66 30.72 5.92 -4.33
C GLU A 66 31.34 5.53 -5.68
N HIS A 67 32.64 5.82 -5.89
CA HIS A 67 33.36 5.44 -7.11
C HIS A 67 34.35 4.28 -6.89
N GLN A 68 34.78 4.06 -5.64
CA GLN A 68 35.65 2.96 -5.29
C GLN A 68 35.13 1.64 -5.85
N VAL A 69 36.03 0.82 -6.38
CA VAL A 69 35.66 -0.32 -7.20
C VAL A 69 35.91 -1.62 -6.44
N PHE A 70 34.93 -2.51 -6.51
CA PHE A 70 34.99 -3.86 -5.94
C PHE A 70 34.93 -4.81 -7.14
N LYS A 71 36.09 -5.33 -7.50
CA LYS A 71 36.19 -6.13 -8.72
C LYS A 71 35.76 -7.57 -8.48
N TRP A 72 35.14 -8.12 -9.53
CA TRP A 72 34.70 -9.50 -9.57
C TRP A 72 35.79 -10.45 -9.10
N ASP A 73 35.43 -11.33 -8.16
CA ASP A 73 36.34 -12.31 -7.61
C ASP A 73 36.58 -13.50 -8.54
N GLY A 74 35.96 -13.53 -9.71
CA GLY A 74 36.18 -14.59 -10.67
C GLY A 74 35.34 -15.83 -10.49
N GLN A 75 34.50 -15.90 -9.45
CA GLN A 75 33.65 -17.06 -9.17
C GLN A 75 32.29 -16.84 -9.83
N THR A 76 31.92 -17.75 -10.73
CA THR A 76 30.64 -17.61 -11.42
C THR A 76 29.47 -18.02 -10.51
N ARG A 77 28.43 -17.17 -10.50
CA ARG A 77 27.24 -17.30 -9.67
C ARG A 77 26.01 -17.25 -10.57
N ASP A 78 24.90 -17.78 -10.08
CA ASP A 78 23.75 -17.98 -10.97
C ASP A 78 23.09 -16.67 -11.41
N ILE A 79 23.24 -15.58 -10.66
CA ILE A 79 22.79 -14.25 -11.10
C ILE A 79 23.89 -13.58 -11.94
N ALA A 80 23.56 -13.26 -13.20
CA ALA A 80 24.58 -12.89 -14.18
C ALA A 80 25.12 -11.49 -14.00
N THR A 81 24.29 -10.55 -13.52
CA THR A 81 24.72 -9.18 -13.22
C THR A 81 25.80 -9.14 -12.14
N TRP A 82 25.93 -10.19 -11.31
CA TRP A 82 26.90 -10.26 -10.21
C TRP A 82 28.33 -10.60 -10.66
N ASN A 83 28.49 -11.04 -11.90
CA ASN A 83 29.80 -11.52 -12.38
C ASN A 83 30.45 -10.43 -13.24
N ARG A 84 30.85 -9.36 -12.53
CA ARG A 84 31.45 -8.17 -13.10
C ARG A 84 31.87 -7.30 -11.90
N ASP A 85 32.68 -6.29 -12.16
CA ASP A 85 33.05 -5.36 -11.08
C ASP A 85 31.90 -4.39 -10.78
N HIS A 86 31.86 -3.90 -9.53
CA HIS A 86 30.83 -2.94 -9.13
C HIS A 86 31.40 -1.80 -8.27
N ASN A 87 30.64 -0.69 -8.20
CA ASN A 87 30.80 0.33 -7.15
C ASN A 87 29.53 0.38 -6.28
N LEU A 88 29.46 1.34 -5.35
CA LEU A 88 28.33 1.40 -4.40
C LEU A 88 27.02 1.53 -5.14
N ILE A 89 27.01 2.32 -6.22
CA ILE A 89 25.81 2.56 -6.99
C ILE A 89 25.27 1.26 -7.63
N THR A 90 26.08 0.62 -8.49
CA THR A 90 25.63 -0.60 -9.20
C THR A 90 25.45 -1.79 -8.25
N ALA A 91 26.19 -1.86 -7.15
CA ALA A 91 26.00 -2.92 -6.17
C ALA A 91 24.65 -2.86 -5.41
N MET A 92 24.16 -1.64 -5.12
CA MET A 92 22.79 -1.43 -4.61
C MET A 92 21.76 -1.80 -5.66
N LYS A 93 21.92 -1.25 -6.86
CA LYS A 93 20.99 -1.50 -7.96
C LYS A 93 20.80 -3.01 -8.25
N TYR A 94 21.91 -3.80 -8.32
CA TYR A 94 21.80 -5.24 -8.65
C TYR A 94 21.82 -6.12 -7.41
N SER A 95 21.79 -5.54 -6.20
CA SER A 95 21.67 -6.33 -4.98
C SER A 95 22.77 -7.42 -4.89
N VAL A 96 24.04 -6.98 -4.94
CA VAL A 96 25.21 -7.90 -5.16
C VAL A 96 25.69 -8.35 -3.79
N VAL A 97 25.16 -9.49 -3.34
CA VAL A 97 25.40 -9.95 -1.96
C VAL A 97 26.88 -10.07 -1.63
N PRO A 98 27.72 -10.75 -2.43
CA PRO A 98 29.11 -11.01 -1.98
C PRO A 98 29.97 -9.74 -1.78
N VAL A 99 29.65 -8.64 -2.46
CA VAL A 99 30.29 -7.36 -2.15
C VAL A 99 30.00 -6.94 -0.70
N TYR A 100 28.73 -7.08 -0.25
CA TYR A 100 28.29 -6.62 1.08
C TYR A 100 28.63 -7.60 2.20
N GLN A 101 28.76 -8.90 1.88
CA GLN A 101 29.34 -9.85 2.83
C GLN A 101 30.79 -9.47 3.17
N GLU A 102 31.59 -9.10 2.16
CA GLU A 102 32.95 -8.63 2.46
C GLU A 102 32.97 -7.39 3.40
N PHE A 103 32.03 -6.44 3.20
CA PHE A 103 31.92 -5.29 4.12
C PHE A 103 31.67 -5.76 5.54
N ALA A 104 30.73 -6.70 5.69
CA ALA A 104 30.33 -7.12 7.02
C ALA A 104 31.48 -7.79 7.77
N ARG A 105 32.29 -8.57 7.06
CA ARG A 105 33.51 -9.11 7.65
C ARG A 105 34.39 -7.98 8.20
N GLN A 106 34.74 -7.02 7.34
CA GLN A 106 35.54 -5.86 7.74
C GLN A 106 34.98 -5.17 8.99
N ILE A 107 33.65 -5.03 9.08
CA ILE A 107 33.06 -4.27 10.19
C ILE A 107 33.15 -5.09 11.48
N GLY A 108 32.82 -6.37 11.41
CA GLY A 108 32.82 -7.21 12.61
C GLY A 108 31.70 -6.90 13.58
N GLU A 109 31.40 -7.84 14.46
CA GLU A 109 30.06 -7.80 15.03
C GLU A 109 29.92 -6.91 16.25
N ALA A 110 31.01 -6.54 16.91
CA ALA A 110 30.91 -5.56 18.00
C ALA A 110 30.47 -4.20 17.46
N ARG A 111 30.99 -3.81 16.31
CA ARG A 111 30.65 -2.52 15.74
C ARG A 111 29.32 -2.59 14.97
N MET A 112 29.04 -3.70 14.28
CA MET A 112 27.72 -3.86 13.65
C MET A 112 26.62 -3.75 14.70
N SER A 113 26.74 -4.51 15.79
CA SER A 113 25.75 -4.45 16.85
C SER A 113 25.63 -3.03 17.42
N LYS A 114 26.75 -2.33 17.56
CA LYS A 114 26.69 -1.02 18.19
C LYS A 114 25.87 -0.04 17.36
N MET A 115 26.15 0.01 16.05
CA MET A 115 25.45 0.90 15.14
C MET A 115 23.94 0.59 15.07
N LEU A 116 23.56 -0.70 15.15
CA LEU A 116 22.15 -1.02 15.04
C LEU A 116 21.37 -0.59 16.27
N HIS A 117 21.98 -0.65 17.48
CA HIS A 117 21.29 -0.12 18.66
C HIS A 117 21.19 1.39 18.59
N ALA A 118 22.24 2.06 18.10
CA ALA A 118 22.19 3.51 17.91
C ALA A 118 21.06 3.89 16.92
N PHE A 119 20.91 3.12 15.82
CA PHE A 119 19.88 3.31 14.79
C PHE A 119 18.47 2.95 15.24
N ASP A 120 18.33 2.19 16.33
CA ASP A 120 17.03 1.66 16.75
C ASP A 120 16.37 0.83 15.64
N TYR A 121 17.17 -0.01 15.00
CA TYR A 121 16.77 -0.78 13.82
C TYR A 121 16.14 -2.11 14.22
N GLY A 122 14.83 -2.20 14.11
CA GLY A 122 14.22 -3.52 14.25
C GLY A 122 14.47 -4.13 15.62
N ASN A 123 14.63 -5.45 15.68
CA ASN A 123 14.90 -6.09 16.96
C ASN A 123 16.39 -6.05 17.36
N GLU A 124 17.26 -5.35 16.61
CA GLU A 124 18.62 -5.01 16.98
C GLU A 124 19.50 -6.26 17.18
N ASP A 125 19.07 -7.43 16.69
CA ASP A 125 19.71 -8.73 17.00
C ASP A 125 20.47 -9.27 15.80
N ILE A 126 21.79 -9.51 15.96
CA ILE A 126 22.63 -9.94 14.84
C ILE A 126 23.09 -11.40 14.96
N SER A 127 22.42 -12.21 15.77
CA SER A 127 22.76 -13.65 15.91
C SER A 127 22.88 -14.36 14.56
N GLY A 128 23.86 -15.28 14.47
CA GLY A 128 24.16 -16.00 13.23
C GLY A 128 25.51 -15.65 12.65
N ASN A 129 25.67 -15.92 11.37
CA ASN A 129 26.92 -15.61 10.68
C ASN A 129 27.09 -14.10 10.43
N VAL A 130 28.25 -13.58 10.85
CA VAL A 130 28.54 -12.15 10.69
C VAL A 130 28.24 -11.71 9.27
N ASP A 131 28.54 -12.55 8.30
CA ASP A 131 28.32 -12.18 6.90
C ASP A 131 27.05 -12.84 6.29
N SER A 132 26.07 -13.26 7.12
CA SER A 132 24.76 -13.50 6.47
C SER A 132 23.56 -13.44 7.42
N PHE A 133 23.67 -12.84 8.61
CA PHE A 133 22.55 -12.80 9.54
C PHE A 133 21.29 -12.14 8.92
N TRP A 134 21.44 -11.21 7.96
CA TRP A 134 20.27 -10.54 7.37
C TRP A 134 19.54 -11.43 6.37
N LEU A 135 20.12 -12.60 6.01
CA LEU A 135 19.49 -13.58 5.10
C LEU A 135 19.08 -14.89 5.77
N ASP A 136 19.67 -15.23 6.93
CA ASP A 136 19.30 -16.48 7.58
C ASP A 136 19.66 -16.49 9.06
N GLY A 137 19.85 -15.35 9.71
CA GLY A 137 20.12 -15.24 11.14
C GLY A 137 18.91 -14.81 11.96
N GLY A 138 19.19 -14.09 13.05
CA GLY A 138 18.18 -13.67 14.00
C GLY A 138 17.56 -12.25 13.86
N ILE A 139 17.96 -11.46 12.85
CA ILE A 139 17.47 -10.08 12.77
C ILE A 139 16.10 -10.05 12.09
N ARG A 140 15.17 -9.24 12.65
CA ARG A 140 13.80 -9.11 12.12
C ARG A 140 13.30 -7.66 12.16
N ILE A 141 12.45 -7.27 11.20
CA ILE A 141 11.90 -5.91 11.18
C ILE A 141 10.50 -5.89 10.51
N SER A 142 9.63 -5.01 10.97
CA SER A 142 8.29 -4.82 10.39
C SER A 142 8.22 -3.66 9.37
N ALA A 143 7.11 -3.61 8.62
CA ALA A 143 6.91 -2.49 7.69
C ALA A 143 6.83 -1.11 8.40
N THR A 144 6.10 -1.01 9.53
CA THR A 144 6.03 0.27 10.25
C THR A 144 7.39 0.68 10.81
N GLU A 145 8.18 -0.32 11.25
CA GLU A 145 9.54 -0.07 11.73
C GLU A 145 10.50 0.31 10.59
N GLN A 146 10.33 -0.24 9.36
CA GLN A 146 11.09 0.30 8.20
C GLN A 146 10.83 1.80 8.00
N ILE A 147 9.57 2.25 8.12
CA ILE A 147 9.22 3.65 7.91
C ILE A 147 9.92 4.58 8.93
N SER A 148 9.95 4.21 10.23
CA SER A 148 10.55 5.07 11.25
C SER A 148 12.04 5.29 11.02
N PHE A 149 12.75 4.23 10.58
CA PHE A 149 14.18 4.30 10.26
C PHE A 149 14.43 5.18 9.04
N LEU A 150 13.58 5.06 8.03
CA LEU A 150 13.77 5.82 6.82
C LEU A 150 13.48 7.31 7.02
N ARG A 151 12.57 7.66 7.93
CA ARG A 151 12.31 9.07 8.23
C ARG A 151 13.55 9.76 8.84
N LYS A 152 14.29 9.03 9.68
CA LYS A 152 15.50 9.56 10.28
C LYS A 152 16.55 9.80 9.22
N LEU A 153 16.71 8.82 8.32
CA LEU A 153 17.63 8.97 7.21
C LEU A 153 17.26 10.14 6.31
N TYR A 154 15.97 10.33 5.99
CA TYR A 154 15.55 11.48 5.19
C TYR A 154 15.95 12.80 5.83
N HIS A 155 15.88 12.89 7.17
CA HIS A 155 16.17 14.16 7.85
C HIS A 155 17.60 14.25 8.36
N ASN A 156 18.49 13.32 7.97
CA ASN A 156 19.90 13.29 8.41
C ASN A 156 20.05 13.18 9.93
N LYS A 157 19.15 12.47 10.60
CA LYS A 157 19.11 12.36 12.07
C LYS A 157 19.80 11.13 12.63
N LEU A 158 20.34 10.25 11.78
CA LEU A 158 21.01 9.06 12.25
C LEU A 158 22.38 9.41 12.85
N HIS A 159 22.88 8.56 13.76
CA HIS A 159 24.14 8.86 14.43
C HIS A 159 25.31 8.35 13.60
N VAL A 160 25.41 8.92 12.41
CA VAL A 160 26.54 8.83 11.51
C VAL A 160 26.69 10.20 10.88
N SER A 161 27.69 10.38 10.02
CA SER A 161 27.92 11.71 9.45
C SER A 161 26.82 12.09 8.45
N GLU A 162 26.69 13.42 8.23
CA GLU A 162 25.80 13.91 7.17
C GLU A 162 26.25 13.37 5.80
N ARG A 163 27.57 13.31 5.59
CA ARG A 163 28.10 12.90 4.30
C ARG A 163 27.73 11.46 3.95
N SER A 164 27.87 10.57 4.94
CA SER A 164 27.46 9.17 4.77
C SER A 164 25.98 9.05 4.37
N GLN A 165 25.10 9.77 5.09
CA GLN A 165 23.66 9.74 4.79
C GLN A 165 23.36 10.30 3.40
N ARG A 166 24.02 11.41 3.01
CA ARG A 166 23.83 11.93 1.65
C ARG A 166 24.28 10.92 0.57
N ILE A 167 25.43 10.26 0.76
CA ILE A 167 25.89 9.29 -0.25
C ILE A 167 24.88 8.10 -0.36
N VAL A 168 24.39 7.57 0.77
CA VAL A 168 23.46 6.43 0.68
C VAL A 168 22.16 6.83 -0.04
N LYS A 169 21.60 8.00 0.31
CA LYS A 169 20.43 8.52 -0.39
C LYS A 169 20.66 8.67 -1.89
N GLN A 170 21.84 9.13 -2.31
CA GLN A 170 22.15 9.13 -3.75
C GLN A 170 22.06 7.72 -4.35
N ALA A 171 22.64 6.75 -3.67
CA ALA A 171 22.70 5.40 -4.22
C ALA A 171 21.35 4.63 -4.18
N MET A 172 20.38 5.12 -3.40
CA MET A 172 18.98 4.64 -3.41
C MET A 172 18.17 5.14 -4.60
N LEU A 173 18.68 6.08 -5.39
CA LEU A 173 17.90 6.63 -6.50
C LEU A 173 17.41 5.53 -7.45
N THR A 174 16.07 5.49 -7.71
CA THR A 174 15.43 4.47 -8.52
C THR A 174 14.71 5.03 -9.74
N GLU A 175 13.96 6.12 -9.59
CA GLU A 175 13.18 6.67 -10.68
C GLU A 175 13.07 8.18 -10.49
N ALA A 176 13.01 8.92 -11.61
CA ALA A 176 12.66 10.34 -11.51
C ALA A 176 12.12 10.87 -12.83
N ASN A 177 11.26 11.89 -12.73
CA ASN A 177 10.69 12.58 -13.88
C ASN A 177 10.12 13.94 -13.42
N GLY A 178 9.37 14.58 -14.32
CA GLY A 178 8.77 15.85 -14.05
C GLY A 178 7.69 15.85 -12.99
N ASP A 179 7.23 14.67 -12.54
CA ASP A 179 6.17 14.57 -11.54
C ASP A 179 6.64 14.07 -10.17
N TYR A 180 7.62 13.18 -10.11
CA TYR A 180 8.04 12.67 -8.81
C TYR A 180 9.48 12.12 -8.85
N ILE A 181 10.02 11.88 -7.65
CA ILE A 181 11.28 11.17 -7.45
C ILE A 181 11.01 10.00 -6.47
N ILE A 182 11.57 8.81 -6.77
CA ILE A 182 11.55 7.66 -5.87
C ILE A 182 12.99 7.27 -5.47
N ARG A 183 13.24 7.19 -4.16
CA ARG A 183 14.45 6.62 -3.58
C ARG A 183 14.01 5.40 -2.79
N ALA A 184 14.58 4.21 -3.10
CA ALA A 184 14.01 2.96 -2.58
C ALA A 184 15.05 1.84 -2.68
N LYS A 185 14.70 0.68 -2.10
CA LYS A 185 15.53 -0.53 -2.09
C LYS A 185 14.64 -1.78 -2.10
N THR A 186 14.91 -2.69 -3.04
CA THR A 186 14.28 -4.00 -3.14
C THR A 186 14.94 -5.03 -2.20
N GLY A 187 14.13 -6.04 -1.83
CA GLY A 187 14.64 -7.26 -1.19
C GLY A 187 13.85 -8.52 -1.55
N TYR A 188 14.56 -9.67 -1.52
CA TYR A 188 14.00 -10.99 -1.84
C TYR A 188 14.53 -11.98 -0.80
N SER A 189 13.67 -12.47 0.09
CA SER A 189 14.10 -13.37 1.17
C SER A 189 13.61 -14.79 0.86
N THR A 190 14.56 -15.72 0.59
CA THR A 190 14.26 -17.09 0.19
C THR A 190 14.90 -18.20 1.02
N ARG A 191 15.75 -17.89 2.01
CA ARG A 191 16.45 -18.93 2.76
C ARG A 191 15.66 -19.47 3.96
N ILE A 192 14.90 -18.65 4.66
CA ILE A 192 14.02 -19.15 5.71
C ILE A 192 12.56 -18.87 5.30
N GLU A 193 11.69 -19.87 5.49
CA GLU A 193 10.25 -19.62 5.26
C GLU A 193 9.71 -18.57 6.23
N PRO A 194 8.73 -17.76 5.78
CA PRO A 194 8.11 -17.80 4.44
C PRO A 194 8.87 -16.96 3.43
N LYS A 195 8.95 -17.42 2.17
CA LYS A 195 9.53 -16.57 1.13
C LYS A 195 8.65 -15.35 0.88
N ILE A 196 9.28 -14.17 0.88
CA ILE A 196 8.61 -12.90 0.70
C ILE A 196 9.51 -11.98 -0.12
N GLY A 197 8.88 -10.95 -0.72
CA GLY A 197 9.60 -9.84 -1.30
C GLY A 197 9.27 -8.55 -0.57
N TRP A 198 10.24 -7.62 -0.58
CA TRP A 198 10.15 -6.27 0.00
C TRP A 198 10.32 -5.18 -1.07
N TRP A 199 9.74 -3.99 -0.81
CA TRP A 199 10.16 -2.74 -1.43
C TRP A 199 9.91 -1.59 -0.46
N VAL A 200 10.97 -0.86 -0.06
CA VAL A 200 10.86 0.21 0.95
C VAL A 200 11.58 1.49 0.49
N GLY A 201 11.00 2.65 0.85
CA GLY A 201 11.57 3.93 0.39
C GLY A 201 10.61 5.12 0.58
N TRP A 202 10.67 6.06 -0.37
CA TRP A 202 9.77 7.20 -0.37
C TRP A 202 9.61 7.80 -1.76
N VAL A 203 8.60 8.66 -1.87
CA VAL A 203 8.24 9.46 -3.05
C VAL A 203 8.36 10.97 -2.69
N GLU A 204 9.29 11.69 -3.35
CA GLU A 204 9.43 13.13 -3.19
C GLU A 204 8.56 13.87 -4.21
N LEU A 205 7.69 14.77 -3.71
CA LEU A 205 6.90 15.73 -4.51
C LEU A 205 7.43 17.15 -4.34
N ASP A 206 6.96 18.07 -5.19
CA ASP A 206 7.34 19.48 -4.99
C ASP A 206 7.13 19.93 -3.55
N ASP A 207 6.01 19.52 -2.90
CA ASP A 207 5.63 20.13 -1.62
C ASP A 207 5.31 19.15 -0.47
N ASN A 208 5.76 17.90 -0.55
CA ASN A 208 5.50 16.88 0.46
C ASN A 208 6.35 15.66 0.14
N VAL A 209 6.40 14.71 1.08
CA VAL A 209 7.06 13.43 0.86
C VAL A 209 6.21 12.35 1.51
N TRP A 210 6.03 11.23 0.77
CA TRP A 210 5.22 10.09 1.19
C TRP A 210 6.16 8.88 1.37
N PHE A 211 6.36 8.42 2.61
CA PHE A 211 7.21 7.23 2.84
C PHE A 211 6.38 5.96 2.63
N PHE A 212 7.04 4.87 2.18
CA PHE A 212 6.33 3.65 1.89
C PHE A 212 7.14 2.42 2.29
N ALA A 213 6.42 1.34 2.66
CA ALA A 213 7.03 0.05 2.91
C ALA A 213 6.03 -1.09 2.64
N MET A 214 6.42 -2.05 1.81
CA MET A 214 5.53 -3.13 1.43
C MET A 214 6.25 -4.47 1.50
N ASN A 215 5.47 -5.53 1.77
CA ASN A 215 5.98 -6.88 1.59
C ASN A 215 4.83 -7.80 1.20
N MET A 216 5.19 -8.93 0.59
CA MET A 216 4.19 -9.77 -0.01
C MET A 216 4.75 -11.17 -0.14
N ASP A 217 3.82 -12.16 -0.19
CA ASP A 217 4.20 -13.57 -0.34
C ASP A 217 4.76 -13.79 -1.73
N MET A 218 5.80 -14.62 -1.81
CA MET A 218 6.60 -14.79 -3.03
C MET A 218 7.07 -16.23 -3.15
N PRO A 219 6.15 -17.17 -3.38
CA PRO A 219 6.60 -18.57 -3.52
C PRO A 219 7.47 -18.77 -4.75
N THR A 220 7.26 -17.98 -5.83
CA THR A 220 7.98 -18.15 -7.09
C THR A 220 8.56 -16.83 -7.57
N SER A 221 9.76 -16.89 -8.15
CA SER A 221 10.45 -15.72 -8.67
C SER A 221 9.64 -14.98 -9.71
N ASP A 222 8.57 -15.58 -10.22
CA ASP A 222 7.81 -15.02 -11.34
C ASP A 222 7.03 -13.76 -10.95
N GLY A 223 6.72 -13.55 -9.67
CA GLY A 223 5.96 -12.37 -9.28
C GLY A 223 6.72 -11.15 -8.77
N LEU A 224 8.05 -11.09 -8.99
CA LEU A 224 8.88 -10.01 -8.43
C LEU A 224 8.43 -8.63 -8.91
N GLY A 225 7.98 -8.52 -10.18
CA GLY A 225 7.46 -7.27 -10.75
C GLY A 225 6.23 -6.72 -10.05
N LEU A 226 5.47 -7.58 -9.35
CA LEU A 226 4.30 -7.14 -8.61
C LEU A 226 4.64 -6.21 -7.42
N ARG A 227 5.87 -6.29 -6.88
CA ARG A 227 6.23 -5.43 -5.74
C ARG A 227 6.03 -3.95 -6.10
N GLN A 228 6.56 -3.54 -7.24
CA GLN A 228 6.40 -2.18 -7.75
C GLN A 228 5.02 -1.90 -8.35
N ALA A 229 4.47 -2.88 -9.07
CA ALA A 229 3.16 -2.66 -9.70
C ALA A 229 2.05 -2.45 -8.67
N ILE A 230 2.01 -3.25 -7.62
CA ILE A 230 0.94 -3.08 -6.63
C ILE A 230 1.16 -1.77 -5.87
N THR A 231 2.41 -1.49 -5.50
CA THR A 231 2.67 -0.25 -4.77
C THR A 231 2.21 0.96 -5.58
N LYS A 232 2.53 1.00 -6.88
CA LYS A 232 2.13 2.14 -7.70
C LYS A 232 0.61 2.22 -7.90
N GLU A 233 -0.10 1.08 -7.88
CA GLU A 233 -1.58 1.15 -7.93
C GLU A 233 -2.16 1.85 -6.70
N VAL A 234 -1.61 1.57 -5.51
CA VAL A 234 -2.03 2.30 -4.31
C VAL A 234 -1.74 3.78 -4.45
N LEU A 235 -0.49 4.14 -4.85
CA LEU A 235 -0.13 5.54 -4.96
C LEU A 235 -1.07 6.31 -5.92
N LYS A 236 -1.50 5.66 -7.02
CA LYS A 236 -2.38 6.34 -7.99
C LYS A 236 -3.80 6.46 -7.45
N GLN A 237 -4.29 5.42 -6.76
CA GLN A 237 -5.63 5.51 -6.17
C GLN A 237 -5.68 6.69 -5.19
N GLU A 238 -4.58 6.96 -4.48
CA GLU A 238 -4.54 8.05 -3.50
C GLU A 238 -4.11 9.40 -4.11
N LYS A 239 -4.05 9.49 -5.43
CA LYS A 239 -3.71 10.71 -6.17
C LYS A 239 -2.30 11.22 -5.85
N ILE A 240 -1.38 10.35 -5.43
CA ILE A 240 -0.02 10.79 -5.11
C ILE A 240 0.82 10.92 -6.39
N ILE A 241 0.72 9.94 -7.29
CA ILE A 241 1.31 10.03 -8.63
C ILE A 241 0.18 10.02 -9.65
N PRO A 242 0.46 10.44 -10.89
CA PRO A 242 -0.51 10.39 -12.01
C PRO A 242 -0.75 9.00 -12.60
N GLU B 1 -4.03 8.16 18.23
CA GLU B 1 -4.18 6.72 17.98
C GLU B 1 -3.17 5.91 18.81
N TRP B 2 -1.85 6.00 18.56
CA TRP B 2 -0.85 5.34 19.42
C TRP B 2 0.20 6.32 19.97
N GLN B 3 0.44 6.24 21.30
CA GLN B 3 1.41 7.06 22.02
C GLN B 3 2.39 6.22 22.81
N GLU B 4 3.67 6.60 22.79
CA GLU B 4 4.67 5.97 23.62
C GLU B 4 4.90 6.87 24.83
N ASN B 5 4.62 6.36 26.05
CA ASN B 5 4.82 7.10 27.30
C ASN B 5 5.90 6.38 28.11
N LYS B 6 7.14 6.88 27.97
CA LYS B 6 8.28 6.26 28.64
C LYS B 6 8.30 6.52 30.13
N SER B 7 7.49 7.45 30.63
CA SER B 7 7.41 7.64 32.07
C SER B 7 7.18 6.31 32.75
N TRP B 8 6.24 5.52 32.22
CA TRP B 8 5.83 4.27 32.84
C TRP B 8 6.96 3.28 33.00
N ASN B 9 8.12 3.49 32.38
CA ASN B 9 9.16 2.50 32.51
C ASN B 9 9.75 2.42 33.90
N ALA B 10 9.56 3.45 34.72
CA ALA B 10 9.96 3.36 36.12
C ALA B 10 9.42 2.09 36.77
N HIS B 11 8.13 1.80 36.55
CA HIS B 11 7.45 0.74 37.31
C HIS B 11 8.10 -0.61 37.09
N PHE B 12 8.63 -0.87 35.89
CA PHE B 12 9.43 -2.07 35.67
C PHE B 12 10.80 -1.95 36.35
N THR B 13 11.35 -0.74 36.38
CA THR B 13 12.68 -0.51 36.90
C THR B 13 12.74 -0.73 38.40
N GLU B 14 11.80 -0.15 39.14
CA GLU B 14 11.90 -0.21 40.59
C GLU B 14 11.76 -1.63 41.13
N HIS B 15 11.19 -2.57 40.36
CA HIS B 15 11.19 -3.97 40.74
C HIS B 15 12.30 -4.76 40.05
N LYS B 16 13.25 -4.08 39.42
CA LYS B 16 14.39 -4.72 38.77
C LYS B 16 13.94 -5.72 37.70
N SER B 17 12.99 -5.28 36.86
CA SER B 17 12.37 -6.13 35.87
C SER B 17 12.32 -5.43 34.53
N GLN B 18 12.16 -6.22 33.47
CA GLN B 18 12.00 -5.73 32.10
C GLN B 18 10.75 -6.31 31.45
N GLY B 19 9.92 -5.43 30.87
CA GLY B 19 8.72 -5.88 30.14
C GLY B 19 7.96 -4.72 29.50
N VAL B 20 6.68 -4.99 29.15
CA VAL B 20 5.81 -4.02 28.46
C VAL B 20 4.39 -4.12 29.00
N VAL B 21 3.72 -2.96 29.03
CA VAL B 21 2.29 -2.82 29.31
C VAL B 21 1.67 -2.03 28.17
N VAL B 22 0.49 -2.46 27.73
CA VAL B 22 -0.29 -1.80 26.70
C VAL B 22 -1.74 -1.65 27.20
N LEU B 23 -2.31 -0.46 26.96
CA LEU B 23 -3.64 -0.05 27.37
C LEU B 23 -4.38 0.51 26.16
N TRP B 24 -5.69 0.24 26.09
CA TRP B 24 -6.56 0.71 25.01
C TRP B 24 -7.86 1.28 25.58
N ASN B 25 -8.08 2.58 25.33
CA ASN B 25 -9.30 3.31 25.71
C ASN B 25 -10.33 3.09 24.62
N GLU B 26 -11.41 2.34 24.91
CA GLU B 26 -12.34 1.90 23.87
C GLU B 26 -13.22 3.05 23.38
N ASN B 27 -13.66 3.94 24.29
CA ASN B 27 -14.48 5.09 23.87
C ASN B 27 -13.73 6.00 22.87
N LYS B 28 -12.44 6.24 23.08
CA LYS B 28 -11.70 7.22 22.27
C LYS B 28 -10.73 6.62 21.24
N GLN B 29 -10.63 5.29 21.16
CA GLN B 29 -9.79 4.61 20.17
C GLN B 29 -8.37 5.13 20.22
N GLN B 30 -7.80 5.09 21.44
CA GLN B 30 -6.43 5.51 21.74
C GLN B 30 -5.67 4.44 22.51
N GLY B 31 -4.41 4.26 22.12
CA GLY B 31 -3.55 3.27 22.73
C GLY B 31 -2.30 3.89 23.30
N PHE B 32 -1.77 3.26 24.35
CA PHE B 32 -0.60 3.70 25.12
C PHE B 32 0.26 2.51 25.54
N THR B 33 1.59 2.73 25.57
CA THR B 33 2.56 1.73 26.03
C THR B 33 3.89 2.37 26.42
N ASN B 34 4.66 1.65 27.24
CA ASN B 34 5.96 2.16 27.62
C ASN B 34 7.05 1.89 26.58
N ASN B 35 6.81 0.94 25.67
CA ASN B 35 7.85 0.39 24.79
C ASN B 35 7.13 -0.18 23.54
N LEU B 36 6.99 0.66 22.49
CA LEU B 36 6.22 0.29 21.29
C LEU B 36 6.80 -0.94 20.57
N LYS B 37 8.13 -1.04 20.50
CA LYS B 37 8.73 -2.19 19.81
C LYS B 37 8.32 -3.50 20.49
N ARG B 38 8.55 -3.61 21.82
CA ARG B 38 8.19 -4.84 22.51
C ARG B 38 6.68 -5.03 22.55
N ALA B 39 5.90 -3.93 22.50
CA ALA B 39 4.45 -4.03 22.38
C ALA B 39 4.03 -4.84 21.16
N ASN B 40 4.85 -4.79 20.08
CA ASN B 40 4.60 -5.52 18.84
C ASN B 40 5.48 -6.76 18.65
N GLN B 41 6.28 -7.14 19.65
CA GLN B 41 7.04 -8.40 19.58
C GLN B 41 6.14 -9.64 19.87
N ALA B 42 6.20 -10.63 18.99
CA ALA B 42 5.39 -11.84 19.05
C ALA B 42 6.06 -12.95 19.86
N PHE B 43 5.35 -13.50 20.85
CA PHE B 43 5.84 -14.58 21.71
C PHE B 43 4.86 -15.74 21.68
N LEU B 44 5.27 -16.86 22.28
CA LEU B 44 4.34 -17.95 22.55
C LEU B 44 3.22 -17.51 23.49
N PRO B 45 1.97 -17.92 23.24
CA PRO B 45 0.85 -17.47 24.12
C PRO B 45 0.82 -18.17 25.46
N ALA B 46 1.33 -19.41 25.57
CA ALA B 46 1.26 -20.23 26.81
C ALA B 46 -0.19 -20.27 27.29
N SER B 47 -0.47 -20.07 28.58
CA SER B 47 -1.82 -20.28 29.06
C SER B 47 -2.82 -19.16 28.70
N THR B 48 -2.39 -18.05 28.08
CA THR B 48 -3.38 -17.11 27.54
C THR B 48 -4.14 -17.76 26.36
N PHE B 49 -3.62 -18.84 25.79
CA PHE B 49 -4.32 -19.61 24.74
C PHE B 49 -5.57 -20.42 25.25
N ILE B 51 -8.14 -18.90 26.46
CA ILE B 51 -9.36 -18.16 25.98
C ILE B 51 -9.88 -18.71 24.61
N PRO B 52 -9.10 -18.66 23.54
CA PRO B 52 -9.63 -19.22 22.28
C PRO B 52 -9.96 -20.72 22.36
N ASN B 53 -9.23 -21.49 23.20
CA ASN B 53 -9.43 -22.94 23.25
C ASN B 53 -10.75 -23.29 23.90
N SER B 54 -11.05 -22.74 25.08
CA SER B 54 -12.40 -22.74 25.64
C SER B 54 -13.50 -22.42 24.62
N LEU B 55 -13.32 -21.38 23.79
CA LEU B 55 -14.34 -20.96 22.83
C LEU B 55 -14.54 -22.00 21.73
N ILE B 56 -13.44 -22.51 21.20
CA ILE B 56 -13.55 -23.52 20.16
C ILE B 56 -14.25 -24.76 20.72
N ALA B 57 -13.95 -25.13 21.97
CA ALA B 57 -14.44 -26.39 22.53
C ALA B 57 -15.94 -26.33 22.80
N LEU B 58 -16.40 -25.19 23.35
CA LEU B 58 -17.83 -24.99 23.60
C LEU B 58 -18.62 -24.95 22.29
N ASP B 59 -18.13 -24.21 21.29
CA ASP B 59 -18.87 -24.08 20.02
C ASP B 59 -19.07 -25.44 19.34
N LEU B 60 -18.24 -26.45 19.68
CA LEU B 60 -18.17 -27.73 18.97
C LEU B 60 -18.77 -28.89 19.72
N GLY B 61 -19.21 -28.68 20.97
CA GLY B 61 -19.77 -29.75 21.76
C GLY B 61 -18.79 -30.43 22.69
N VAL B 62 -17.47 -30.29 22.43
CA VAL B 62 -16.44 -30.89 23.29
C VAL B 62 -16.67 -30.57 24.76
N VAL B 63 -17.11 -29.36 25.08
CA VAL B 63 -17.50 -29.01 26.43
C VAL B 63 -18.97 -28.60 26.39
N LYS B 64 -19.71 -28.96 27.45
CA LYS B 64 -21.15 -28.81 27.52
C LYS B 64 -21.58 -27.54 28.24
N ASP B 65 -20.93 -27.19 29.34
CA ASP B 65 -21.24 -25.95 30.05
C ASP B 65 -20.17 -25.78 31.12
N GLU B 66 -20.29 -24.72 31.89
CA GLU B 66 -19.29 -24.31 32.89
C GLU B 66 -19.36 -25.14 34.16
N HIS B 67 -20.20 -26.18 34.11
CA HIS B 67 -20.48 -27.06 35.24
C HIS B 67 -19.96 -28.48 35.04
N GLN B 68 -19.75 -28.91 33.79
CA GLN B 68 -19.29 -30.26 33.49
C GLN B 68 -17.94 -30.56 34.13
N VAL B 69 -17.81 -31.72 34.76
CA VAL B 69 -16.65 -32.04 35.58
C VAL B 69 -15.66 -32.91 34.81
N PHE B 70 -14.39 -32.54 34.97
CA PHE B 70 -13.24 -33.28 34.47
C PHE B 70 -12.48 -33.75 35.70
N LYS B 71 -12.70 -35.03 36.07
CA LYS B 71 -12.13 -35.62 37.27
C LYS B 71 -10.61 -35.84 37.12
N TRP B 72 -9.89 -35.62 38.22
CA TRP B 72 -8.46 -35.89 38.26
C TRP B 72 -8.16 -37.29 37.75
N ASP B 73 -7.16 -37.42 36.86
CA ASP B 73 -6.83 -38.74 36.35
C ASP B 73 -5.95 -39.57 37.30
N GLY B 74 -5.61 -39.06 38.47
CA GLY B 74 -4.85 -39.80 39.42
C GLY B 74 -3.34 -39.80 39.22
N GLN B 75 -2.83 -39.10 38.19
CA GLN B 75 -1.39 -38.99 37.95
C GLN B 75 -0.85 -37.72 38.59
N THR B 76 0.06 -37.86 39.58
CA THR B 76 0.55 -36.71 40.31
C THR B 76 1.44 -35.82 39.44
N ARG B 77 1.28 -34.51 39.58
CA ARG B 77 2.01 -33.51 38.82
C ARG B 77 2.61 -32.51 39.79
N ASP B 78 3.57 -31.71 39.29
CA ASP B 78 4.35 -30.86 40.17
C ASP B 78 3.55 -29.66 40.70
N ILE B 79 2.51 -29.23 39.99
CA ILE B 79 1.62 -28.18 40.48
C ILE B 79 0.45 -28.83 41.22
N ALA B 80 0.31 -28.46 42.49
CA ALA B 80 -0.58 -29.19 43.39
C ALA B 80 -2.04 -28.99 43.00
N THR B 81 -2.42 -27.71 42.77
CA THR B 81 -3.77 -27.38 42.36
C THR B 81 -4.23 -28.15 41.14
N TRP B 82 -3.33 -28.75 40.38
CA TRP B 82 -3.75 -29.59 39.27
C TRP B 82 -4.19 -31.00 39.71
N ASN B 83 -3.91 -31.42 40.95
CA ASN B 83 -4.21 -32.79 41.38
C ASN B 83 -5.54 -32.80 42.14
N ARG B 84 -6.63 -32.70 41.37
CA ARG B 84 -8.01 -32.60 41.85
C ARG B 84 -8.91 -32.44 40.64
N ASP B 85 -10.23 -32.50 40.89
CA ASP B 85 -11.21 -32.35 39.84
C ASP B 85 -11.41 -30.88 39.48
N HIS B 86 -11.84 -30.62 38.24
CA HIS B 86 -12.05 -29.25 37.79
C HIS B 86 -13.25 -29.14 36.84
N ASN B 87 -13.93 -27.99 36.91
CA ASN B 87 -14.81 -27.50 35.87
C ASN B 87 -14.12 -26.34 35.11
N LEU B 88 -14.84 -25.76 34.14
CA LEU B 88 -14.25 -24.69 33.34
C LEU B 88 -13.79 -23.52 34.20
N ILE B 89 -14.58 -23.12 35.20
CA ILE B 89 -14.20 -21.95 36.01
C ILE B 89 -12.82 -22.14 36.65
N THR B 90 -12.65 -23.27 37.39
CA THR B 90 -11.42 -23.54 38.14
C THR B 90 -10.26 -23.94 37.24
N ALA B 91 -10.54 -24.59 36.10
CA ALA B 91 -9.46 -24.95 35.19
C ALA B 91 -8.82 -23.71 34.55
N MET B 92 -9.62 -22.66 34.31
CA MET B 92 -9.07 -21.36 33.89
C MET B 92 -8.25 -20.72 35.00
N LYS B 93 -8.77 -20.77 36.24
CA LYS B 93 -8.19 -20.04 37.37
C LYS B 93 -6.83 -20.61 37.85
N TYR B 94 -6.56 -21.91 37.64
CA TYR B 94 -5.26 -22.55 37.97
C TYR B 94 -4.54 -23.06 36.72
N SER B 95 -4.92 -22.60 35.52
CA SER B 95 -4.21 -22.97 34.27
C SER B 95 -3.85 -24.46 34.24
N VAL B 96 -4.87 -25.30 34.43
CA VAL B 96 -4.77 -26.76 34.46
C VAL B 96 -4.49 -27.35 33.08
N VAL B 97 -3.20 -27.45 32.74
CA VAL B 97 -2.79 -27.90 31.41
C VAL B 97 -3.45 -29.19 30.97
N PRO B 98 -3.45 -30.29 31.73
CA PRO B 98 -3.95 -31.58 31.17
C PRO B 98 -5.41 -31.53 30.69
N VAL B 99 -6.30 -30.83 31.40
CA VAL B 99 -7.68 -30.64 30.94
C VAL B 99 -7.69 -30.15 29.49
N TYR B 100 -6.87 -29.13 29.18
CA TYR B 100 -6.97 -28.48 27.87
C TYR B 100 -6.22 -29.22 26.77
N GLN B 101 -5.26 -30.09 27.11
CA GLN B 101 -4.65 -30.94 26.08
C GLN B 101 -5.66 -31.98 25.58
N GLU B 102 -6.42 -32.57 26.51
CA GLU B 102 -7.64 -33.31 26.14
C GLU B 102 -8.45 -32.53 25.09
N PHE B 103 -9.00 -31.35 25.43
CA PHE B 103 -9.87 -30.64 24.49
C PHE B 103 -9.22 -30.55 23.11
N ALA B 104 -7.92 -30.24 23.07
CA ALA B 104 -7.28 -30.06 21.78
C ALA B 104 -7.25 -31.37 21.00
N ARG B 105 -7.01 -32.49 21.69
CA ARG B 105 -7.09 -33.80 21.04
C ARG B 105 -8.45 -33.95 20.34
N GLN B 106 -9.53 -33.70 21.08
CA GLN B 106 -10.89 -33.80 20.55
C GLN B 106 -11.09 -32.92 19.32
N ILE B 107 -10.50 -31.73 19.29
CA ILE B 107 -10.80 -30.79 18.22
C ILE B 107 -10.10 -31.18 16.93
N GLY B 108 -8.82 -31.53 17.01
CA GLY B 108 -8.09 -31.88 15.82
C GLY B 108 -7.57 -30.70 15.05
N GLU B 109 -6.47 -30.92 14.34
CA GLU B 109 -5.81 -29.78 13.77
C GLU B 109 -6.60 -29.16 12.62
N ALA B 110 -7.48 -29.93 11.98
CA ALA B 110 -8.22 -29.36 10.86
C ALA B 110 -9.15 -28.27 11.35
N ARG B 111 -9.87 -28.53 12.45
CA ARG B 111 -10.84 -27.59 12.98
C ARG B 111 -10.16 -26.44 13.73
N MET B 112 -9.20 -26.78 14.58
CA MET B 112 -8.41 -25.77 15.27
C MET B 112 -7.91 -24.72 14.28
N SER B 113 -7.41 -25.16 13.12
CA SER B 113 -6.73 -24.27 12.20
C SER B 113 -7.69 -23.33 11.47
N LYS B 114 -8.92 -23.81 11.15
CA LYS B 114 -9.93 -22.96 10.55
C LYS B 114 -10.38 -21.88 11.51
N MET B 115 -10.64 -22.28 12.76
CA MET B 115 -11.13 -21.34 13.77
C MET B 115 -10.16 -20.18 13.93
N LEU B 116 -8.85 -20.46 14.00
CA LEU B 116 -7.87 -19.42 14.32
C LEU B 116 -7.65 -18.50 13.12
N HIS B 117 -7.75 -19.02 11.90
CA HIS B 117 -7.77 -18.09 10.76
C HIS B 117 -9.06 -17.28 10.78
N ALA B 118 -10.15 -17.85 11.27
CA ALA B 118 -11.39 -17.08 11.38
C ALA B 118 -11.24 -15.96 12.42
N PHE B 119 -10.58 -16.26 13.54
CA PHE B 119 -10.34 -15.32 14.63
C PHE B 119 -9.31 -14.26 14.28
N ASP B 120 -8.54 -14.44 13.21
CA ASP B 120 -7.42 -13.55 12.86
C ASP B 120 -6.36 -13.51 13.99
N TYR B 121 -6.13 -14.67 14.61
CA TYR B 121 -5.37 -14.81 15.86
C TYR B 121 -3.87 -14.90 15.61
N GLY B 122 -3.13 -13.82 15.85
CA GLY B 122 -1.67 -13.90 15.81
C GLY B 122 -1.11 -14.29 14.45
N ASN B 123 -0.14 -15.21 14.44
CA ASN B 123 0.46 -15.72 13.19
C ASN B 123 -0.26 -16.95 12.63
N GLU B 124 -1.35 -17.39 13.27
CA GLU B 124 -2.30 -18.37 12.74
C GLU B 124 -1.67 -19.74 12.47
N ASP B 125 -0.45 -19.98 12.95
CA ASP B 125 0.30 -21.19 12.61
C ASP B 125 0.25 -22.21 13.77
N ILE B 126 -0.26 -23.42 13.51
CA ILE B 126 -0.38 -24.44 14.56
C ILE B 126 0.73 -25.51 14.46
N SER B 127 1.82 -25.25 13.75
CA SER B 127 2.92 -26.22 13.63
C SER B 127 3.30 -26.83 14.98
N GLY B 128 3.59 -28.12 14.96
CA GLY B 128 4.02 -28.83 16.16
C GLY B 128 3.04 -29.92 16.55
N ASN B 129 3.08 -30.35 17.80
CA ASN B 129 2.10 -31.29 18.29
C ASN B 129 0.75 -30.59 18.45
N VAL B 130 -0.33 -31.38 18.35
CA VAL B 130 -1.66 -30.83 18.40
C VAL B 130 -2.10 -30.54 19.83
N ASP B 131 -1.49 -31.18 20.82
CA ASP B 131 -1.84 -30.88 22.21
C ASP B 131 -0.69 -30.20 22.94
N SER B 132 0.22 -29.54 22.23
CA SER B 132 1.17 -28.68 22.94
C SER B 132 1.66 -27.47 22.13
N PHE B 133 1.11 -27.17 20.96
CA PHE B 133 1.73 -26.18 20.08
C PHE B 133 1.76 -24.78 20.71
N TRP B 134 0.84 -24.47 21.62
CA TRP B 134 0.82 -23.17 22.30
C TRP B 134 1.85 -23.06 23.41
N LEU B 135 2.56 -24.16 23.74
CA LEU B 135 3.64 -24.16 24.74
C LEU B 135 5.05 -24.39 24.15
N ASP B 136 5.18 -25.07 23.03
CA ASP B 136 6.48 -25.38 22.47
C ASP B 136 6.40 -25.58 20.97
N GLY B 137 5.29 -25.15 20.37
CA GLY B 137 5.08 -25.23 18.94
C GLY B 137 5.45 -23.99 18.17
N GLY B 138 4.76 -23.77 17.04
CA GLY B 138 4.98 -22.67 16.14
C GLY B 138 4.14 -21.37 16.37
N ILE B 139 3.17 -21.35 17.27
CA ILE B 139 2.27 -20.20 17.28
C ILE B 139 2.89 -19.00 18.04
N ARG B 140 2.69 -17.78 17.48
CA ARG B 140 3.21 -16.53 18.10
C ARG B 140 2.17 -15.40 18.04
N ILE B 141 2.06 -14.63 19.13
CA ILE B 141 1.11 -13.51 19.21
C ILE B 141 1.75 -12.39 20.02
N SER B 142 1.58 -11.14 19.59
CA SER B 142 2.07 -9.96 20.30
C SER B 142 0.99 -9.35 21.22
N ALA B 143 1.41 -8.40 22.06
CA ALA B 143 0.48 -7.78 23.02
C ALA B 143 -0.62 -6.97 22.33
N THR B 144 -0.27 -6.21 21.26
CA THR B 144 -1.27 -5.44 20.52
C THR B 144 -2.25 -6.37 19.79
N GLU B 145 -1.72 -7.49 19.30
CA GLU B 145 -2.55 -8.58 18.76
C GLU B 145 -3.48 -9.18 19.79
N GLN B 146 -3.01 -9.33 21.04
CA GLN B 146 -3.93 -9.86 22.07
C GLN B 146 -5.11 -8.91 22.25
N ILE B 147 -4.88 -7.58 22.20
CA ILE B 147 -5.98 -6.63 22.38
C ILE B 147 -6.98 -6.67 21.22
N SER B 148 -6.50 -6.68 19.97
CA SER B 148 -7.42 -6.85 18.83
C SER B 148 -8.38 -8.01 19.06
N PHE B 149 -7.83 -9.18 19.47
CA PHE B 149 -8.65 -10.38 19.67
C PHE B 149 -9.67 -10.16 20.78
N LEU B 150 -9.23 -9.56 21.89
CA LEU B 150 -10.16 -9.44 23.02
C LEU B 150 -11.29 -8.48 22.71
N ARG B 151 -11.01 -7.40 21.97
CA ARG B 151 -12.07 -6.44 21.68
C ARG B 151 -13.22 -7.15 20.97
N LYS B 152 -12.88 -8.04 20.05
CA LYS B 152 -13.91 -8.80 19.34
C LYS B 152 -14.73 -9.66 20.30
N LEU B 153 -14.06 -10.39 21.19
CA LEU B 153 -14.77 -11.18 22.19
C LEU B 153 -15.67 -10.30 23.05
N TYR B 154 -15.17 -9.12 23.47
CA TYR B 154 -16.01 -8.21 24.28
C TYR B 154 -17.33 -7.88 23.57
N HIS B 155 -17.30 -7.59 22.26
CA HIS B 155 -18.52 -7.19 21.54
C HIS B 155 -19.31 -8.35 20.92
N ASN B 156 -19.03 -9.62 21.29
CA ASN B 156 -19.68 -10.81 20.71
C ASN B 156 -19.52 -10.89 19.19
N LYS B 157 -18.41 -10.39 18.63
CA LYS B 157 -18.23 -10.39 17.18
C LYS B 157 -17.35 -11.53 16.63
N LEU B 158 -16.98 -12.52 17.43
CA LEU B 158 -16.21 -13.62 16.87
C LEU B 158 -17.19 -14.54 16.14
N HIS B 159 -16.67 -15.33 15.19
CA HIS B 159 -17.51 -16.17 14.34
C HIS B 159 -17.76 -17.54 14.99
N VAL B 160 -18.22 -17.49 16.25
CA VAL B 160 -18.79 -18.60 17.02
C VAL B 160 -20.08 -18.06 17.64
N SER B 161 -20.80 -18.89 18.41
CA SER B 161 -22.10 -18.48 18.94
C SER B 161 -21.96 -17.41 20.02
N GLU B 162 -23.07 -16.67 20.25
CA GLU B 162 -23.18 -15.75 21.39
C GLU B 162 -22.97 -16.47 22.74
N ARG B 163 -23.74 -17.54 22.96
CA ARG B 163 -23.62 -18.32 24.20
C ARG B 163 -22.17 -18.74 24.53
N SER B 164 -21.39 -19.13 23.53
CA SER B 164 -20.00 -19.54 23.80
C SER B 164 -19.19 -18.37 24.35
N GLN B 165 -19.45 -17.18 23.78
CA GLN B 165 -18.70 -15.98 24.15
C GLN B 165 -19.08 -15.50 25.55
N ARG B 166 -20.38 -15.52 25.87
CA ARG B 166 -20.81 -15.22 27.23
C ARG B 166 -20.20 -16.18 28.26
N ILE B 167 -20.14 -17.48 27.94
CA ILE B 167 -19.66 -18.44 28.93
C ILE B 167 -18.18 -18.19 29.21
N VAL B 168 -17.35 -18.05 28.17
CA VAL B 168 -15.93 -17.78 28.39
C VAL B 168 -15.73 -16.49 29.22
N LYS B 169 -16.51 -15.44 28.97
CA LYS B 169 -16.29 -14.19 29.71
C LYS B 169 -16.64 -14.33 31.19
N GLN B 170 -17.70 -15.08 31.50
CA GLN B 170 -17.94 -15.46 32.89
C GLN B 170 -16.69 -16.15 33.48
N ALA B 171 -16.16 -17.17 32.76
CA ALA B 171 -15.03 -17.93 33.26
C ALA B 171 -13.73 -17.09 33.41
N MET B 172 -13.62 -15.92 32.76
CA MET B 172 -12.45 -15.00 32.88
C MET B 172 -12.57 -14.01 34.06
N LEU B 173 -13.72 -13.97 34.72
CA LEU B 173 -13.89 -13.14 35.90
C LEU B 173 -12.71 -13.37 36.86
N THR B 174 -12.09 -12.25 37.32
CA THR B 174 -10.94 -12.29 38.24
C THR B 174 -11.10 -11.39 39.47
N GLU B 175 -11.74 -10.23 39.36
CA GLU B 175 -11.80 -9.29 40.47
C GLU B 175 -13.00 -8.35 40.25
N ALA B 176 -13.64 -7.89 41.34
CA ALA B 176 -14.73 -6.92 41.20
C ALA B 176 -15.08 -6.24 42.52
N ASN B 177 -15.69 -5.05 42.41
CA ASN B 177 -16.04 -4.21 43.56
C ASN B 177 -16.87 -3.05 43.06
N GLY B 178 -17.15 -2.08 43.92
CA GLY B 178 -17.98 -0.96 43.52
C GLY B 178 -17.31 0.06 42.61
N ASP B 179 -16.03 -0.10 42.27
CA ASP B 179 -15.37 0.78 41.31
C ASP B 179 -15.07 0.16 39.93
N TYR B 180 -14.81 -1.15 39.81
CA TYR B 180 -14.45 -1.75 38.53
C TYR B 180 -14.67 -3.26 38.58
N ILE B 181 -14.63 -3.88 37.38
CA ILE B 181 -14.60 -5.33 37.17
C ILE B 181 -13.42 -5.64 36.25
N ILE B 182 -12.64 -6.69 36.57
CA ILE B 182 -11.56 -7.18 35.73
C ILE B 182 -11.86 -8.58 35.24
N ARG B 183 -11.83 -8.78 33.91
CA ARG B 183 -11.85 -10.12 33.31
C ARG B 183 -10.51 -10.29 32.61
N ALA B 184 -9.84 -11.43 32.83
CA ALA B 184 -8.45 -11.54 32.42
C ALA B 184 -8.04 -13.01 32.42
N LYS B 185 -6.86 -13.28 31.84
CA LYS B 185 -6.23 -14.59 31.84
C LYS B 185 -4.73 -14.43 32.05
N THR B 186 -4.18 -15.14 33.04
CA THR B 186 -2.74 -15.24 33.26
C THR B 186 -2.11 -16.33 32.40
N GLY B 187 -0.77 -16.27 32.28
CA GLY B 187 0.04 -17.31 31.61
C GLY B 187 1.52 -17.18 31.88
N TYR B 188 2.23 -18.33 31.76
CA TYR B 188 3.65 -18.50 32.11
C TYR B 188 4.32 -19.39 31.07
N SER B 189 5.28 -18.86 30.32
CA SER B 189 5.94 -19.60 29.24
C SER B 189 7.36 -19.99 29.71
N THR B 190 7.63 -21.31 29.87
CA THR B 190 8.95 -21.79 30.30
C THR B 190 9.60 -22.88 29.45
N ARG B 191 8.95 -23.40 28.41
CA ARG B 191 9.56 -24.47 27.62
C ARG B 191 10.62 -23.98 26.61
N ILE B 192 10.46 -22.78 26.06
CA ILE B 192 11.35 -22.22 25.05
C ILE B 192 11.74 -20.81 25.46
N GLU B 193 13.04 -20.48 25.41
CA GLU B 193 13.51 -19.15 25.77
C GLU B 193 12.96 -18.18 24.72
N PRO B 194 12.66 -16.94 25.13
CA PRO B 194 12.88 -16.39 26.46
C PRO B 194 11.72 -16.68 27.44
N LYS B 195 12.02 -16.99 28.70
CA LYS B 195 10.96 -17.32 29.64
C LYS B 195 10.26 -16.02 30.05
N ILE B 196 8.92 -16.02 29.99
CA ILE B 196 8.12 -14.81 30.23
C ILE B 196 6.81 -15.14 30.94
N GLY B 197 6.22 -14.13 31.56
CA GLY B 197 4.88 -14.20 32.08
C GLY B 197 4.02 -13.20 31.35
N TRP B 198 2.72 -13.55 31.21
CA TRP B 198 1.65 -12.78 30.57
C TRP B 198 0.52 -12.43 31.53
N TRP B 199 -0.12 -11.27 31.32
CA TRP B 199 -1.45 -11.01 31.83
C TRP B 199 -2.24 -10.14 30.84
N VAL B 200 -3.41 -10.61 30.41
CA VAL B 200 -4.22 -9.95 29.37
C VAL B 200 -5.70 -9.97 29.73
N GLY B 201 -6.43 -8.87 29.37
CA GLY B 201 -7.86 -8.76 29.71
C GLY B 201 -8.43 -7.37 29.50
N TRP B 202 -9.43 -7.00 30.34
CA TRP B 202 -9.94 -5.63 30.35
C TRP B 202 -10.49 -5.23 31.71
N VAL B 203 -10.81 -3.93 31.80
CA VAL B 203 -11.32 -3.26 32.98
C VAL B 203 -12.63 -2.56 32.62
N GLU B 204 -13.74 -3.03 33.18
CA GLU B 204 -15.08 -2.44 32.91
C GLU B 204 -15.38 -1.36 33.95
N LEU B 205 -15.74 -0.15 33.50
CA LEU B 205 -16.19 0.96 34.33
C LEU B 205 -17.67 1.19 34.06
N ASP B 206 -18.28 2.14 34.77
CA ASP B 206 -19.70 2.45 34.50
C ASP B 206 -19.93 2.87 33.04
N ASP B 207 -19.02 3.65 32.47
CA ASP B 207 -19.32 4.19 31.15
C ASP B 207 -18.15 4.10 30.13
N ASN B 208 -17.18 3.25 30.36
CA ASN B 208 -16.10 3.01 29.41
C ASN B 208 -15.57 1.62 29.71
N VAL B 209 -14.73 1.08 28.82
CA VAL B 209 -13.88 -0.05 29.16
C VAL B 209 -12.47 0.19 28.61
N TRP B 210 -11.47 -0.21 29.40
CA TRP B 210 -10.06 -0.15 29.04
C TRP B 210 -9.51 -1.57 28.92
N PHE B 211 -8.97 -1.92 27.75
CA PHE B 211 -8.35 -3.22 27.45
C PHE B 211 -6.86 -3.15 27.79
N PHE B 212 -6.28 -4.29 28.22
CA PHE B 212 -4.85 -4.32 28.55
C PHE B 212 -4.19 -5.63 28.12
N ALA B 213 -2.88 -5.54 27.89
CA ALA B 213 -2.03 -6.70 27.69
C ALA B 213 -0.61 -6.38 28.13
N MET B 214 -0.03 -7.23 28.99
CA MET B 214 1.35 -7.08 29.44
C MET B 214 2.09 -8.41 29.35
N ASN B 215 3.43 -8.33 29.24
CA ASN B 215 4.34 -9.45 29.47
C ASN B 215 5.66 -8.91 30.00
N MET B 216 6.47 -9.82 30.57
CA MET B 216 7.66 -9.47 31.32
C MET B 216 8.56 -10.70 31.49
N ASP B 217 9.89 -10.44 31.53
CA ASP B 217 10.87 -11.51 31.69
C ASP B 217 10.63 -12.23 33.02
N MET B 218 10.85 -13.55 33.04
CA MET B 218 10.53 -14.37 34.22
C MET B 218 11.56 -15.49 34.29
N PRO B 219 12.74 -15.20 34.84
CA PRO B 219 13.76 -16.26 34.94
C PRO B 219 13.40 -17.32 35.96
N THR B 220 12.62 -16.97 36.99
CA THR B 220 12.18 -17.94 37.98
C THR B 220 10.76 -17.64 38.41
N SER B 221 10.13 -18.62 39.06
CA SER B 221 8.75 -18.46 39.52
C SER B 221 8.61 -17.42 40.63
N ASP B 222 9.71 -16.85 41.13
CA ASP B 222 9.61 -15.87 42.21
C ASP B 222 8.77 -14.67 41.82
N GLY B 223 8.88 -14.20 40.58
CA GLY B 223 8.30 -12.91 40.19
C GLY B 223 6.84 -12.88 39.73
N LEU B 224 6.10 -13.99 39.80
CA LEU B 224 4.79 -14.04 39.13
C LEU B 224 3.83 -13.00 39.68
N GLY B 225 3.91 -12.68 40.96
CA GLY B 225 3.02 -11.68 41.50
C GLY B 225 3.22 -10.30 40.88
N LEU B 226 4.40 -10.05 40.31
CA LEU B 226 4.68 -8.71 39.78
C LEU B 226 3.82 -8.35 38.57
N ARG B 227 3.28 -9.35 37.86
CA ARG B 227 2.46 -9.06 36.67
C ARG B 227 1.26 -8.21 36.99
N GLN B 228 0.46 -8.65 37.99
CA GLN B 228 -0.70 -7.87 38.43
C GLN B 228 -0.25 -6.59 39.15
N ALA B 229 0.82 -6.67 39.93
CA ALA B 229 1.26 -5.49 40.69
C ALA B 229 1.65 -4.34 39.75
N ILE B 230 2.54 -4.61 38.79
CA ILE B 230 2.95 -3.57 37.85
C ILE B 230 1.75 -3.07 37.03
N THR B 231 0.91 -3.98 36.53
CA THR B 231 -0.25 -3.54 35.76
C THR B 231 -1.11 -2.57 36.58
N LYS B 232 -1.33 -2.88 37.86
CA LYS B 232 -2.25 -2.04 38.65
C LYS B 232 -1.60 -0.71 39.05
N GLU B 233 -0.28 -0.68 39.25
CA GLU B 233 0.42 0.61 39.42
C GLU B 233 0.15 1.53 38.24
N VAL B 234 0.35 1.03 37.02
CA VAL B 234 0.01 1.81 35.82
C VAL B 234 -1.44 2.32 35.87
N LEU B 235 -2.41 1.39 36.04
CA LEU B 235 -3.82 1.76 36.06
C LEU B 235 -4.13 2.89 37.05
N LYS B 236 -3.53 2.82 38.25
CA LYS B 236 -3.71 3.88 39.24
C LYS B 236 -3.11 5.21 38.78
N GLN B 237 -1.89 5.18 38.24
CA GLN B 237 -1.26 6.41 37.77
C GLN B 237 -2.11 7.13 36.74
N GLU B 238 -2.72 6.40 35.82
CA GLU B 238 -3.54 7.02 34.79
C GLU B 238 -4.96 7.35 35.27
N LYS B 239 -5.27 7.12 36.55
CA LYS B 239 -6.57 7.48 37.12
C LYS B 239 -7.72 6.62 36.58
N ILE B 240 -7.44 5.40 36.12
CA ILE B 240 -8.49 4.50 35.66
C ILE B 240 -9.22 3.88 36.83
N ILE B 241 -8.46 3.48 37.86
CA ILE B 241 -9.02 2.94 39.10
C ILE B 241 -8.46 3.73 40.29
N PRO B 242 -9.20 3.83 41.41
CA PRO B 242 -8.75 4.64 42.55
C PRO B 242 -7.47 4.13 43.20
N TRP C 2 -34.64 -27.59 -0.69
CA TRP C 2 -33.95 -26.39 -0.19
C TRP C 2 -33.30 -26.68 1.16
N GLN C 3 -32.78 -25.62 1.80
CA GLN C 3 -32.29 -25.61 3.17
C GLN C 3 -32.14 -24.15 3.62
N GLU C 4 -31.93 -23.95 4.93
CA GLU C 4 -31.75 -22.60 5.46
C GLU C 4 -30.43 -22.48 6.22
N ASN C 5 -29.91 -21.24 6.28
CA ASN C 5 -28.57 -20.95 6.82
C ASN C 5 -28.57 -19.52 7.38
N LYS C 6 -29.09 -19.37 8.61
CA LYS C 6 -29.21 -18.04 9.19
C LYS C 6 -27.86 -17.40 9.53
N SER C 7 -26.73 -18.09 9.32
CA SER C 7 -25.44 -17.49 9.65
C SER C 7 -25.20 -16.24 8.82
N TRP C 8 -25.65 -16.25 7.57
CA TRP C 8 -25.43 -15.12 6.68
C TRP C 8 -25.95 -13.82 7.29
N ASN C 9 -26.89 -13.90 8.24
CA ASN C 9 -27.56 -12.73 8.80
C ASN C 9 -26.60 -11.66 9.35
N ALA C 10 -25.36 -12.02 9.70
CA ALA C 10 -24.46 -11.02 10.27
C ALA C 10 -24.21 -9.87 9.29
N HIS C 11 -24.36 -10.14 7.98
CA HIS C 11 -23.98 -9.20 6.94
C HIS C 11 -25.02 -8.11 6.75
N PHE C 12 -26.31 -8.51 6.64
CA PHE C 12 -27.40 -7.53 6.69
C PHE C 12 -27.37 -6.75 7.99
N THR C 13 -27.15 -7.46 9.10
CA THR C 13 -27.01 -6.84 10.40
C THR C 13 -25.99 -5.72 10.36
N GLU C 14 -24.73 -6.06 10.08
CA GLU C 14 -23.65 -5.10 10.21
C GLU C 14 -23.84 -3.87 9.32
N HIS C 15 -24.82 -3.87 8.43
CA HIS C 15 -25.16 -2.68 7.64
C HIS C 15 -26.55 -2.16 7.95
N LYS C 16 -27.14 -2.56 9.08
CA LYS C 16 -28.44 -2.04 9.48
C LYS C 16 -29.46 -2.28 8.38
N SER C 17 -29.34 -3.42 7.72
CA SER C 17 -30.16 -3.75 6.56
C SER C 17 -30.90 -5.06 6.79
N GLN C 18 -31.96 -5.24 6.02
CA GLN C 18 -32.75 -6.46 6.08
C GLN C 18 -33.10 -6.91 4.68
N GLY C 19 -33.04 -8.23 4.48
CA GLY C 19 -33.34 -8.82 3.19
C GLY C 19 -32.90 -10.27 3.21
N VAL C 20 -33.15 -10.95 2.10
CA VAL C 20 -32.79 -12.36 1.96
C VAL C 20 -31.79 -12.50 0.82
N VAL C 21 -31.08 -13.64 0.83
CA VAL C 21 -30.19 -14.05 -0.25
C VAL C 21 -30.45 -15.52 -0.52
N VAL C 22 -30.63 -15.87 -1.79
CA VAL C 22 -30.92 -17.22 -2.21
C VAL C 22 -29.80 -17.68 -3.15
N LEU C 23 -29.24 -18.86 -2.86
CA LEU C 23 -28.23 -19.48 -3.72
C LEU C 23 -28.74 -20.82 -4.22
N TRP C 24 -28.27 -21.21 -5.40
CA TRP C 24 -28.62 -22.51 -5.95
C TRP C 24 -27.42 -23.06 -6.68
N ASN C 25 -26.75 -24.03 -6.08
CA ASN C 25 -25.69 -24.75 -6.74
C ASN C 25 -26.31 -25.70 -7.77
N GLU C 26 -25.85 -25.62 -9.04
CA GLU C 26 -26.47 -26.38 -10.12
C GLU C 26 -26.01 -27.83 -10.17
N ASN C 27 -24.73 -28.11 -9.92
CA ASN C 27 -24.28 -29.48 -10.01
C ASN C 27 -24.99 -30.35 -8.98
N LYS C 28 -25.20 -29.80 -7.78
CA LYS C 28 -25.76 -30.54 -6.66
C LYS C 28 -27.28 -30.45 -6.56
N GLN C 29 -27.93 -29.58 -7.34
CA GLN C 29 -29.37 -29.37 -7.27
C GLN C 29 -29.79 -29.16 -5.82
N GLN C 30 -29.08 -28.26 -5.14
CA GLN C 30 -29.38 -27.92 -3.76
C GLN C 30 -29.46 -26.41 -3.62
N GLY C 31 -30.50 -25.92 -2.94
CA GLY C 31 -30.65 -24.52 -2.66
C GLY C 31 -30.28 -24.20 -1.24
N PHE C 32 -30.03 -22.91 -0.98
CA PHE C 32 -29.54 -22.41 0.30
C PHE C 32 -30.00 -20.97 0.44
N THR C 33 -30.49 -20.60 1.62
CA THR C 33 -30.96 -19.25 1.84
C THR C 33 -31.01 -18.97 3.34
N ASN C 34 -30.90 -17.70 3.72
CA ASN C 34 -30.89 -17.32 5.12
C ASN C 34 -32.29 -16.94 5.64
N ASN C 35 -33.36 -17.33 4.93
CA ASN C 35 -34.73 -17.07 5.35
C ASN C 35 -35.73 -17.67 4.39
N LEU C 36 -36.28 -18.83 4.71
CA LEU C 36 -37.15 -19.50 3.76
C LEU C 36 -38.45 -18.76 3.53
N LYS C 37 -38.75 -17.74 4.33
CA LYS C 37 -40.04 -17.07 4.24
C LYS C 37 -40.01 -15.83 3.37
N ARG C 38 -38.96 -15.02 3.44
CA ARG C 38 -38.80 -13.98 2.44
C ARG C 38 -38.36 -14.54 1.10
N ALA C 39 -37.71 -15.71 1.11
CA ALA C 39 -37.29 -16.35 -0.13
C ALA C 39 -38.45 -16.47 -1.11
N ASN C 40 -39.66 -16.71 -0.60
CA ASN C 40 -40.83 -16.93 -1.44
C ASN C 40 -41.82 -15.78 -1.40
N GLN C 41 -41.48 -14.69 -0.72
CA GLN C 41 -42.31 -13.51 -0.77
C GLN C 41 -42.15 -12.80 -2.11
N ALA C 42 -43.28 -12.41 -2.68
CA ALA C 42 -43.33 -11.84 -4.01
C ALA C 42 -43.40 -10.32 -3.94
N PHE C 43 -42.65 -9.66 -4.82
CA PHE C 43 -42.65 -8.21 -4.98
C PHE C 43 -42.71 -7.89 -6.48
N LEU C 44 -42.86 -6.62 -6.80
CA LEU C 44 -42.68 -6.15 -8.17
C LEU C 44 -41.26 -6.49 -8.63
N PRO C 45 -41.04 -6.63 -9.93
CA PRO C 45 -39.67 -6.88 -10.40
C PRO C 45 -38.88 -5.57 -10.57
N ALA C 46 -39.58 -4.47 -10.86
CA ALA C 46 -38.95 -3.23 -11.30
C ALA C 46 -37.95 -3.59 -12.40
N SER C 47 -36.76 -2.97 -12.40
CA SER C 47 -35.85 -3.11 -13.54
C SER C 47 -35.30 -4.54 -13.75
N THR C 48 -35.51 -5.48 -12.83
CA THR C 48 -35.15 -6.87 -13.20
C THR C 48 -36.07 -7.45 -14.25
N PHE C 49 -37.24 -6.86 -14.50
CA PHE C 49 -38.07 -7.26 -15.62
C PHE C 49 -37.42 -6.99 -17.01
N ILE C 51 -34.91 -8.27 -18.20
CA ILE C 51 -34.46 -9.57 -18.87
C ILE C 51 -35.55 -10.18 -19.81
N PRO C 52 -36.77 -10.51 -19.30
CA PRO C 52 -37.79 -11.05 -20.22
C PRO C 52 -38.26 -10.04 -21.27
N ASN C 53 -38.34 -8.75 -20.91
CA ASN C 53 -38.64 -7.70 -21.87
C ASN C 53 -37.70 -7.71 -23.08
N SER C 54 -36.38 -7.83 -22.84
CA SER C 54 -35.37 -7.92 -23.89
C SER C 54 -35.55 -9.15 -24.76
N LEU C 55 -35.73 -10.32 -24.13
CA LEU C 55 -35.95 -11.55 -24.88
C LEU C 55 -37.12 -11.42 -25.87
N ILE C 56 -38.28 -10.93 -25.40
CA ILE C 56 -39.46 -10.83 -26.27
C ILE C 56 -39.24 -9.83 -27.41
N ALA C 57 -38.62 -8.68 -27.12
CA ALA C 57 -38.37 -7.69 -28.16
C ALA C 57 -37.44 -8.25 -29.22
N LEU C 58 -36.40 -8.97 -28.82
CA LEU C 58 -35.52 -9.55 -29.83
C LEU C 58 -36.26 -10.64 -30.62
N ASP C 59 -37.02 -11.49 -29.94
CA ASP C 59 -37.66 -12.62 -30.63
C ASP C 59 -38.70 -12.13 -31.64
N LEU C 60 -39.41 -11.02 -31.36
CA LEU C 60 -40.37 -10.45 -32.31
C LEU C 60 -39.78 -9.49 -33.33
N GLY C 61 -38.53 -9.08 -33.20
CA GLY C 61 -37.95 -8.15 -34.13
C GLY C 61 -38.18 -6.70 -33.80
N VAL C 62 -38.73 -6.39 -32.62
CA VAL C 62 -38.77 -5.02 -32.14
C VAL C 62 -37.36 -4.47 -32.04
N VAL C 63 -36.43 -5.30 -31.60
CA VAL C 63 -34.99 -5.00 -31.55
C VAL C 63 -34.29 -5.91 -32.56
N LYS C 64 -33.62 -5.33 -33.53
CA LYS C 64 -32.98 -6.12 -34.57
C LYS C 64 -31.70 -6.82 -34.05
N ASP C 65 -30.83 -6.13 -33.29
CA ASP C 65 -29.62 -6.72 -32.71
C ASP C 65 -29.09 -5.79 -31.61
N GLU C 66 -27.94 -6.15 -31.04
CA GLU C 66 -27.41 -5.43 -29.89
C GLU C 66 -26.75 -4.09 -30.23
N HIS C 67 -26.67 -3.71 -31.51
CA HIS C 67 -26.06 -2.45 -31.94
C HIS C 67 -27.09 -1.38 -32.35
N GLN C 68 -28.35 -1.73 -32.53
CA GLN C 68 -29.35 -0.77 -32.96
C GLN C 68 -29.45 0.37 -31.93
N VAL C 69 -29.53 1.61 -32.42
CA VAL C 69 -29.54 2.83 -31.60
C VAL C 69 -30.99 3.31 -31.39
N PHE C 70 -31.35 3.52 -30.15
CA PHE C 70 -32.62 4.14 -29.76
C PHE C 70 -32.32 5.56 -29.26
N LYS C 71 -32.66 6.56 -30.08
CA LYS C 71 -32.33 7.97 -29.82
C LYS C 71 -33.08 8.54 -28.61
N TRP C 72 -32.43 9.46 -27.91
CA TRP C 72 -33.05 10.19 -26.81
C TRP C 72 -34.26 10.97 -27.30
N ASP C 73 -35.41 10.85 -26.61
CA ASP C 73 -36.57 11.63 -27.03
C ASP C 73 -36.53 13.10 -26.58
N GLY C 74 -35.41 13.62 -26.07
CA GLY C 74 -35.26 15.05 -25.84
C GLY C 74 -35.83 15.56 -24.53
N GLN C 75 -36.46 14.70 -23.74
CA GLN C 75 -37.01 15.10 -22.45
C GLN C 75 -35.99 14.83 -21.35
N THR C 76 -35.53 15.89 -20.68
CA THR C 76 -34.57 15.79 -19.58
C THR C 76 -35.20 15.19 -18.32
N ARG C 77 -34.72 14.02 -17.90
CA ARG C 77 -35.19 13.31 -16.73
C ARG C 77 -34.13 13.36 -15.63
N ASP C 78 -34.45 12.79 -14.47
CA ASP C 78 -33.70 13.11 -13.25
C ASP C 78 -32.41 12.33 -13.14
N ILE C 79 -32.18 11.35 -14.02
CA ILE C 79 -30.94 10.60 -14.05
C ILE C 79 -30.19 10.99 -15.31
N ALA C 80 -29.03 11.63 -15.15
CA ALA C 80 -28.29 12.15 -16.29
C ALA C 80 -27.94 11.05 -17.29
N THR C 81 -27.54 9.86 -16.83
CA THR C 81 -27.14 8.81 -17.77
C THR C 81 -28.25 8.48 -18.77
N TRP C 82 -29.52 8.72 -18.44
CA TRP C 82 -30.62 8.41 -19.35
C TRP C 82 -30.80 9.45 -20.46
N ASN C 83 -30.13 10.60 -20.40
CA ASN C 83 -30.42 11.68 -21.34
C ASN C 83 -29.51 11.64 -22.56
N ARG C 84 -29.42 10.48 -23.20
CA ARG C 84 -28.54 10.26 -24.35
C ARG C 84 -29.11 9.10 -25.18
N ASP C 85 -28.57 8.96 -26.40
CA ASP C 85 -28.83 7.76 -27.19
C ASP C 85 -28.30 6.48 -26.48
N HIS C 86 -28.99 5.34 -26.69
CA HIS C 86 -28.58 4.05 -26.12
C HIS C 86 -28.74 2.91 -27.13
N ASN C 87 -27.94 1.85 -26.94
CA ASN C 87 -28.27 0.53 -27.50
C ASN C 87 -28.66 -0.50 -26.42
N LEU C 88 -28.92 -1.73 -26.85
CA LEU C 88 -29.33 -2.75 -25.91
C LEU C 88 -28.34 -2.92 -24.77
N ILE C 89 -27.03 -2.96 -25.09
CA ILE C 89 -26.01 -3.14 -24.04
C ILE C 89 -26.06 -2.00 -23.00
N THR C 90 -25.99 -0.74 -23.46
CA THR C 90 -25.99 0.36 -22.49
C THR C 90 -27.35 0.61 -21.80
N ALA C 91 -28.49 0.35 -22.50
CA ALA C 91 -29.79 0.50 -21.84
C ALA C 91 -29.94 -0.45 -20.65
N MET C 92 -29.42 -1.67 -20.77
CA MET C 92 -29.38 -2.59 -19.65
C MET C 92 -28.47 -2.09 -18.53
N LYS C 93 -27.23 -1.71 -18.88
CA LYS C 93 -26.23 -1.34 -17.88
C LYS C 93 -26.69 -0.18 -17.01
N TYR C 94 -27.33 0.84 -17.61
CA TYR C 94 -27.79 2.04 -16.90
C TYR C 94 -29.29 2.01 -16.53
N SER C 95 -30.01 0.92 -16.82
CA SER C 95 -31.46 0.75 -16.55
C SER C 95 -32.30 1.91 -17.08
N VAL C 96 -32.33 2.03 -18.40
CA VAL C 96 -32.90 3.21 -19.05
C VAL C 96 -34.39 2.96 -19.29
N VAL C 97 -35.22 3.44 -18.36
CA VAL C 97 -36.65 3.11 -18.37
C VAL C 97 -37.35 3.50 -19.68
N PRO C 98 -37.23 4.74 -20.16
CA PRO C 98 -38.02 5.14 -21.33
C PRO C 98 -37.67 4.40 -22.60
N VAL C 99 -36.45 3.89 -22.74
CA VAL C 99 -36.15 2.99 -23.86
C VAL C 99 -37.06 1.75 -23.80
N TYR C 100 -37.18 1.14 -22.62
CA TYR C 100 -37.93 -0.11 -22.46
C TYR C 100 -39.44 0.11 -22.38
N GLN C 101 -39.88 1.34 -22.05
CA GLN C 101 -41.28 1.71 -22.21
C GLN C 101 -41.72 1.68 -23.67
N GLU C 102 -40.91 2.21 -24.61
CA GLU C 102 -41.28 2.07 -26.03
C GLU C 102 -41.35 0.61 -26.46
N PHE C 103 -40.38 -0.24 -26.05
CA PHE C 103 -40.41 -1.66 -26.43
C PHE C 103 -41.76 -2.27 -26.07
N ALA C 104 -42.21 -2.01 -24.84
CA ALA C 104 -43.43 -2.62 -24.35
C ALA C 104 -44.66 -2.15 -25.12
N ARG C 105 -44.72 -0.85 -25.46
CA ARG C 105 -45.81 -0.37 -26.31
C ARG C 105 -45.82 -1.10 -27.65
N GLN C 106 -44.66 -1.44 -28.19
CA GLN C 106 -44.57 -2.07 -29.50
C GLN C 106 -44.91 -3.57 -29.46
N ILE C 107 -44.44 -4.28 -28.43
CA ILE C 107 -44.86 -5.65 -28.12
C ILE C 107 -46.39 -5.77 -28.06
N GLY C 108 -47.02 -5.06 -27.14
CA GLY C 108 -48.46 -5.09 -26.95
C GLY C 108 -48.87 -6.03 -25.83
N GLU C 109 -50.05 -5.77 -25.27
CA GLU C 109 -50.53 -6.63 -24.19
C GLU C 109 -50.74 -8.06 -24.68
N ALA C 110 -51.34 -8.23 -25.87
CA ALA C 110 -51.61 -9.57 -26.40
C ALA C 110 -50.34 -10.44 -26.43
N ARG C 111 -49.37 -10.06 -27.26
CA ARG C 111 -48.11 -10.79 -27.35
C ARG C 111 -47.39 -10.85 -26.00
N MET C 112 -47.41 -9.76 -25.22
CA MET C 112 -46.70 -9.80 -23.95
C MET C 112 -47.31 -10.84 -23.01
N SER C 113 -48.64 -10.83 -22.84
CA SER C 113 -49.25 -11.79 -21.94
C SER C 113 -48.98 -13.22 -22.36
N LYS C 114 -49.07 -13.55 -23.67
CA LYS C 114 -48.79 -14.91 -24.12
C LYS C 114 -47.38 -15.34 -23.74
N MET C 115 -46.39 -14.45 -23.93
CA MET C 115 -44.99 -14.80 -23.73
C MET C 115 -44.73 -15.07 -22.27
N LEU C 116 -45.19 -14.19 -21.38
CA LEU C 116 -45.00 -14.42 -19.96
C LEU C 116 -45.65 -15.73 -19.47
N HIS C 117 -46.67 -16.24 -20.18
CA HIS C 117 -47.28 -17.51 -19.79
C HIS C 117 -46.42 -18.68 -20.25
N ALA C 118 -45.88 -18.60 -21.46
CA ALA C 118 -44.92 -19.62 -21.89
C ALA C 118 -43.69 -19.66 -20.99
N PHE C 119 -43.32 -18.53 -20.34
CA PHE C 119 -42.14 -18.42 -19.48
C PHE C 119 -42.39 -18.92 -18.05
N ASP C 120 -43.63 -19.26 -17.71
CA ASP C 120 -44.16 -19.27 -16.35
C ASP C 120 -43.37 -18.34 -15.44
N TYR C 121 -43.51 -17.03 -15.70
CA TYR C 121 -42.74 -15.99 -15.04
C TYR C 121 -43.58 -15.34 -13.94
N GLY C 122 -43.31 -15.70 -12.68
CA GLY C 122 -44.05 -15.15 -11.54
C GLY C 122 -45.55 -15.42 -11.63
N ASN C 123 -46.35 -14.45 -11.13
CA ASN C 123 -47.81 -14.47 -11.22
C ASN C 123 -48.33 -14.05 -12.59
N GLU C 124 -47.50 -14.23 -13.61
CA GLU C 124 -47.83 -14.07 -15.03
C GLU C 124 -48.84 -12.98 -15.36
N ASP C 125 -48.90 -11.87 -14.61
CA ASP C 125 -50.04 -10.95 -14.72
C ASP C 125 -49.62 -9.52 -15.03
N ILE C 126 -50.10 -9.02 -16.16
CA ILE C 126 -49.62 -7.77 -16.73
C ILE C 126 -50.57 -6.61 -16.45
N SER C 127 -51.47 -6.77 -15.49
CA SER C 127 -52.44 -5.73 -15.16
C SER C 127 -51.76 -4.38 -14.91
N GLY C 128 -52.38 -3.33 -15.42
CA GLY C 128 -51.89 -1.96 -15.33
C GLY C 128 -51.74 -1.34 -16.69
N ASN C 129 -51.01 -0.24 -16.70
CA ASN C 129 -50.54 0.37 -17.94
C ASN C 129 -49.47 -0.52 -18.59
N VAL C 130 -49.62 -0.76 -19.90
CA VAL C 130 -48.73 -1.68 -20.59
C VAL C 130 -47.28 -1.18 -20.61
N ASP C 131 -47.06 0.14 -20.50
CA ASP C 131 -45.72 0.72 -20.47
C ASP C 131 -45.25 1.04 -19.05
N SER C 132 -45.90 0.50 -18.02
CA SER C 132 -45.35 0.62 -16.67
C SER C 132 -45.79 -0.45 -15.69
N PHE C 133 -46.21 -1.63 -16.16
CA PHE C 133 -46.82 -2.58 -15.21
C PHE C 133 -45.79 -3.23 -14.30
N TRP C 134 -44.54 -3.39 -14.76
CA TRP C 134 -43.47 -3.92 -13.92
C TRP C 134 -43.03 -2.92 -12.85
N LEU C 135 -43.53 -1.68 -12.89
CA LEU C 135 -43.17 -0.63 -11.93
C LEU C 135 -44.33 -0.16 -11.03
N ASP C 136 -45.59 -0.28 -11.45
CA ASP C 136 -46.71 0.10 -10.60
C ASP C 136 -47.99 -0.62 -11.01
N GLY C 137 -47.88 -1.88 -11.40
CA GLY C 137 -49.04 -2.66 -11.78
C GLY C 137 -49.14 -3.91 -10.93
N GLY C 138 -49.71 -4.97 -11.49
CA GLY C 138 -49.97 -6.15 -10.69
C GLY C 138 -49.09 -7.36 -10.93
N ILE C 139 -47.92 -7.21 -11.51
CA ILE C 139 -47.03 -8.35 -11.71
C ILE C 139 -46.20 -8.53 -10.43
N ARG C 140 -45.96 -9.78 -10.04
CA ARG C 140 -45.24 -10.05 -8.79
C ARG C 140 -44.38 -11.30 -8.96
N ILE C 141 -43.18 -11.27 -8.35
CA ILE C 141 -42.25 -12.40 -8.45
C ILE C 141 -41.44 -12.53 -7.17
N SER C 142 -41.11 -13.77 -6.83
CA SER C 142 -40.33 -14.08 -5.64
C SER C 142 -38.90 -14.47 -6.02
N ALA C 143 -37.98 -14.31 -5.05
CA ALA C 143 -36.57 -14.54 -5.36
C ALA C 143 -36.31 -16.00 -5.77
N THR C 144 -37.10 -16.94 -5.27
CA THR C 144 -36.94 -18.31 -5.75
C THR C 144 -37.56 -18.49 -7.13
N GLU C 145 -38.60 -17.72 -7.45
CA GLU C 145 -39.15 -17.75 -8.81
C GLU C 145 -38.17 -17.09 -9.78
N GLN C 146 -37.51 -16.01 -9.36
CA GLN C 146 -36.43 -15.45 -10.16
C GLN C 146 -35.44 -16.55 -10.56
N ILE C 147 -35.02 -17.38 -9.59
CA ILE C 147 -33.97 -18.36 -9.88
C ILE C 147 -34.43 -19.36 -10.91
N SER C 148 -35.69 -19.75 -10.88
CA SER C 148 -36.13 -20.81 -11.77
C SER C 148 -36.30 -20.30 -13.21
N PHE C 149 -36.68 -19.03 -13.41
CA PHE C 149 -36.67 -18.46 -14.75
C PHE C 149 -35.23 -18.35 -15.31
N LEU C 150 -34.27 -17.89 -14.51
CA LEU C 150 -32.87 -17.79 -14.93
C LEU C 150 -32.28 -19.15 -15.35
N ARG C 151 -32.56 -20.19 -14.58
CA ARG C 151 -31.98 -21.49 -14.89
C ARG C 151 -32.30 -21.92 -16.32
N LYS C 152 -33.52 -21.64 -16.81
CA LYS C 152 -33.89 -22.10 -18.15
C LYS C 152 -33.28 -21.22 -19.25
N LEU C 153 -33.12 -19.93 -18.97
CA LEU C 153 -32.40 -19.03 -19.88
C LEU C 153 -30.96 -19.49 -20.09
N TYR C 154 -30.28 -19.87 -19.00
CA TYR C 154 -28.91 -20.39 -19.11
C TYR C 154 -28.81 -21.59 -20.06
N HIS C 155 -29.84 -22.45 -20.09
CA HIS C 155 -29.81 -23.68 -20.87
C HIS C 155 -30.48 -23.58 -22.24
N ASN C 156 -30.90 -22.38 -22.66
CA ASN C 156 -31.60 -22.19 -23.93
C ASN C 156 -32.92 -22.97 -24.01
N LYS C 157 -33.61 -23.13 -22.87
CA LYS C 157 -34.87 -23.88 -22.80
C LYS C 157 -36.13 -23.01 -22.87
N LEU C 158 -36.00 -21.68 -22.87
CA LEU C 158 -37.16 -20.83 -23.05
C LEU C 158 -37.66 -20.97 -24.47
N HIS C 159 -38.91 -20.57 -24.67
CA HIS C 159 -39.55 -20.73 -25.98
C HIS C 159 -39.39 -19.45 -26.81
N VAL C 160 -38.15 -19.15 -27.12
CA VAL C 160 -37.80 -18.13 -28.12
C VAL C 160 -36.59 -18.65 -28.88
N SER C 161 -36.13 -17.91 -29.88
CA SER C 161 -34.97 -18.43 -30.62
C SER C 161 -33.75 -18.56 -29.71
N GLU C 162 -32.86 -19.49 -30.08
CA GLU C 162 -31.54 -19.59 -29.42
C GLU C 162 -30.77 -18.26 -29.54
N ARG C 163 -30.75 -17.67 -30.74
CA ARG C 163 -30.07 -16.41 -30.96
C ARG C 163 -30.50 -15.37 -29.94
N SER C 164 -31.81 -15.35 -29.59
CA SER C 164 -32.38 -14.38 -28.66
C SER C 164 -31.78 -14.53 -27.27
N GLN C 165 -31.70 -15.78 -26.81
CA GLN C 165 -31.23 -16.07 -25.47
C GLN C 165 -29.72 -15.79 -25.35
N ARG C 166 -28.96 -16.02 -26.43
CA ARG C 166 -27.53 -15.72 -26.43
C ARG C 166 -27.26 -14.22 -26.36
N ILE C 167 -28.02 -13.39 -27.10
CA ILE C 167 -27.78 -11.94 -27.12
C ILE C 167 -28.09 -11.34 -25.75
N VAL C 168 -29.19 -11.77 -25.13
CA VAL C 168 -29.60 -11.28 -23.82
C VAL C 168 -28.55 -11.64 -22.76
N LYS C 169 -27.95 -12.83 -22.87
CA LYS C 169 -26.92 -13.24 -21.93
C LYS C 169 -25.63 -12.41 -22.11
N GLN C 170 -25.32 -12.01 -23.36
CA GLN C 170 -24.24 -11.05 -23.58
C GLN C 170 -24.52 -9.74 -22.86
N ALA C 171 -25.72 -9.21 -23.04
CA ALA C 171 -26.11 -7.95 -22.44
C ALA C 171 -26.19 -8.01 -20.92
N MET C 172 -26.32 -9.19 -20.30
CA MET C 172 -26.26 -9.26 -18.85
C MET C 172 -24.84 -9.25 -18.27
N LEU C 173 -23.79 -9.43 -19.09
CA LEU C 173 -22.41 -9.42 -18.58
C LEU C 173 -22.20 -8.23 -17.63
N THR C 174 -21.71 -8.54 -16.44
CA THR C 174 -21.46 -7.53 -15.40
C THR C 174 -20.00 -7.51 -14.92
N GLU C 175 -19.35 -8.66 -14.73
CA GLU C 175 -18.00 -8.66 -14.14
C GLU C 175 -17.31 -9.96 -14.55
N ALA C 176 -15.99 -9.92 -14.84
CA ALA C 176 -15.32 -11.19 -15.17
C ALA C 176 -13.79 -11.09 -15.02
N ASN C 177 -13.18 -12.24 -14.74
CA ASN C 177 -11.74 -12.31 -14.41
C ASN C 177 -11.31 -13.78 -14.48
N GLY C 178 -10.07 -14.07 -14.07
CA GLY C 178 -9.53 -15.41 -14.16
C GLY C 178 -10.14 -16.40 -13.16
N ASP C 179 -10.90 -15.90 -12.17
CA ASP C 179 -11.66 -16.72 -11.19
C ASP C 179 -13.16 -16.88 -11.51
N TYR C 180 -13.83 -15.92 -12.15
CA TYR C 180 -15.26 -16.10 -12.34
C TYR C 180 -15.83 -15.08 -13.34
N ILE C 181 -17.06 -15.37 -13.80
CA ILE C 181 -17.87 -14.50 -14.67
C ILE C 181 -19.19 -14.27 -13.96
N ILE C 182 -19.60 -13.00 -13.82
CA ILE C 182 -20.91 -12.67 -13.25
C ILE C 182 -21.81 -12.05 -14.33
N ARG C 183 -22.96 -12.70 -14.59
CA ARG C 183 -24.04 -12.18 -15.45
C ARG C 183 -25.29 -11.94 -14.59
N ALA C 184 -25.86 -10.72 -14.61
CA ALA C 184 -26.91 -10.35 -13.67
C ALA C 184 -27.61 -9.05 -14.10
N LYS C 185 -28.64 -8.63 -13.30
CA LYS C 185 -29.39 -7.40 -13.51
C LYS C 185 -29.89 -6.78 -12.19
N THR C 186 -29.71 -5.47 -12.03
CA THR C 186 -30.19 -4.70 -10.89
C THR C 186 -31.62 -4.14 -11.11
N GLY C 187 -32.20 -3.59 -10.02
CA GLY C 187 -33.52 -2.96 -9.97
C GLY C 187 -33.87 -2.27 -8.65
N TYR C 188 -34.64 -1.17 -8.71
CA TYR C 188 -34.98 -0.33 -7.56
C TYR C 188 -36.48 0.00 -7.60
N SER C 189 -37.20 -0.29 -6.50
CA SER C 189 -38.66 -0.19 -6.45
C SER C 189 -39.09 0.97 -5.55
N THR C 190 -39.58 2.04 -6.17
CA THR C 190 -39.94 3.26 -5.49
C THR C 190 -41.39 3.69 -5.63
N ARG C 191 -42.15 3.13 -6.59
CA ARG C 191 -43.50 3.63 -6.87
C ARG C 191 -44.52 3.07 -5.90
N ILE C 192 -44.32 1.86 -5.44
CA ILE C 192 -45.25 1.22 -4.53
C ILE C 192 -44.45 0.60 -3.38
N GLU C 193 -44.94 0.78 -2.16
CA GLU C 193 -44.35 0.19 -0.97
C GLU C 193 -44.52 -1.33 -0.96
N PRO C 194 -43.57 -2.05 -0.34
CA PRO C 194 -42.31 -1.61 0.29
C PRO C 194 -41.19 -1.28 -0.70
N LYS C 195 -40.41 -0.25 -0.42
CA LYS C 195 -39.22 0.02 -1.23
C LYS C 195 -38.23 -1.13 -1.09
N ILE C 196 -37.55 -1.45 -2.19
CA ILE C 196 -36.54 -2.51 -2.16
C ILE C 196 -35.51 -2.32 -3.28
N GLY C 197 -34.44 -3.10 -3.22
CA GLY C 197 -33.52 -3.22 -4.34
C GLY C 197 -33.26 -4.68 -4.62
N TRP C 198 -33.15 -5.02 -5.90
CA TRP C 198 -32.91 -6.39 -6.35
C TRP C 198 -31.51 -6.50 -6.96
N TRP C 199 -30.98 -7.72 -6.93
CA TRP C 199 -29.87 -8.14 -7.79
C TRP C 199 -30.08 -9.63 -8.03
N VAL C 200 -30.19 -10.02 -9.29
CA VAL C 200 -30.37 -11.42 -9.64
C VAL C 200 -29.46 -11.74 -10.82
N GLY C 201 -28.92 -12.98 -10.84
CA GLY C 201 -28.15 -13.50 -11.97
C GLY C 201 -27.54 -14.87 -11.77
N TRP C 202 -26.28 -15.09 -12.19
CA TRP C 202 -25.52 -16.29 -11.86
C TRP C 202 -24.01 -16.00 -11.92
N VAL C 203 -23.23 -17.04 -11.58
CA VAL C 203 -21.77 -17.00 -11.48
C VAL C 203 -21.22 -18.25 -12.15
N GLU C 204 -20.37 -18.08 -13.17
CA GLU C 204 -19.80 -19.21 -13.87
C GLU C 204 -18.39 -19.48 -13.32
N LEU C 205 -18.06 -20.76 -13.15
CA LEU C 205 -16.76 -21.24 -12.66
C LEU C 205 -16.31 -22.32 -13.62
N ASP C 206 -15.04 -22.74 -13.49
CA ASP C 206 -14.46 -23.65 -14.49
C ASP C 206 -15.33 -24.90 -14.66
N ASP C 207 -15.97 -25.37 -13.58
CA ASP C 207 -16.69 -26.65 -13.61
C ASP C 207 -18.10 -26.59 -13.01
N ASN C 208 -18.57 -25.42 -12.58
CA ASN C 208 -19.90 -25.30 -11.97
C ASN C 208 -20.44 -23.89 -12.23
N VAL C 209 -21.77 -23.74 -12.20
CA VAL C 209 -22.39 -22.43 -12.10
C VAL C 209 -23.31 -22.41 -10.89
N TRP C 210 -23.38 -21.24 -10.24
CA TRP C 210 -24.18 -20.98 -9.04
C TRP C 210 -25.20 -19.86 -9.31
N PHE C 211 -26.49 -20.19 -9.37
CA PHE C 211 -27.50 -19.14 -9.55
C PHE C 211 -27.73 -18.37 -8.25
N PHE C 212 -28.34 -17.18 -8.36
CA PHE C 212 -28.55 -16.33 -7.18
C PHE C 212 -29.64 -15.27 -7.43
N ALA C 213 -30.26 -14.82 -6.34
CA ALA C 213 -31.28 -13.76 -6.34
C ALA C 213 -31.39 -13.18 -4.93
N MET C 214 -31.38 -11.85 -4.80
CA MET C 214 -31.42 -11.20 -3.50
C MET C 214 -32.27 -9.94 -3.56
N ASN C 215 -32.82 -9.57 -2.41
CA ASN C 215 -33.54 -8.31 -2.28
C ASN C 215 -33.46 -7.83 -0.83
N MET C 216 -33.41 -6.51 -0.66
CA MET C 216 -33.16 -5.87 0.61
C MET C 216 -33.95 -4.55 0.63
N ASP C 217 -34.32 -4.10 1.83
CA ASP C 217 -35.15 -2.90 1.93
C ASP C 217 -34.32 -1.67 1.61
N MET C 218 -34.86 -0.80 0.75
CA MET C 218 -34.13 0.34 0.19
C MET C 218 -34.90 1.62 0.46
N PRO C 219 -34.83 2.13 1.69
CA PRO C 219 -35.58 3.36 2.01
C PRO C 219 -35.10 4.56 1.21
N THR C 220 -33.78 4.66 1.03
CA THR C 220 -33.21 5.73 0.23
C THR C 220 -32.14 5.15 -0.69
N SER C 221 -31.73 5.97 -1.66
CA SER C 221 -30.87 5.57 -2.77
C SER C 221 -29.41 5.59 -2.43
N ASP C 222 -29.06 5.44 -1.16
CA ASP C 222 -27.67 5.49 -0.74
C ASP C 222 -27.15 4.16 -0.27
N GLY C 223 -28.03 3.21 0.00
CA GLY C 223 -27.64 1.85 0.30
C GLY C 223 -27.61 0.94 -0.89
N LEU C 224 -27.78 1.48 -2.10
CA LEU C 224 -27.84 0.65 -3.29
C LEU C 224 -26.60 -0.24 -3.40
N GLY C 225 -25.42 0.32 -3.17
CA GLY C 225 -24.19 -0.46 -3.19
C GLY C 225 -24.21 -1.70 -2.31
N LEU C 226 -25.11 -1.73 -1.33
CA LEU C 226 -25.08 -2.85 -0.40
C LEU C 226 -25.58 -4.13 -1.04
N ARG C 227 -26.27 -4.04 -2.18
CA ARG C 227 -26.83 -5.23 -2.80
C ARG C 227 -25.72 -6.17 -3.25
N GLN C 228 -24.77 -5.66 -4.05
CA GLN C 228 -23.66 -6.48 -4.51
C GLN C 228 -22.65 -6.70 -3.38
N ALA C 229 -22.54 -5.73 -2.47
CA ALA C 229 -21.69 -5.85 -1.31
C ALA C 229 -22.09 -7.03 -0.43
N ILE C 230 -23.25 -6.91 0.23
CA ILE C 230 -23.79 -8.00 1.05
C ILE C 230 -23.69 -9.32 0.28
N THR C 231 -24.24 -9.35 -0.93
CA THR C 231 -24.27 -10.58 -1.71
C THR C 231 -22.87 -11.21 -1.83
N LYS C 232 -21.83 -10.38 -1.81
CA LYS C 232 -20.48 -10.88 -2.08
C LYS C 232 -19.86 -11.48 -0.82
N GLU C 233 -20.04 -10.83 0.34
CA GLU C 233 -19.61 -11.42 1.60
C GLU C 233 -20.22 -12.80 1.83
N VAL C 234 -21.45 -13.03 1.37
CA VAL C 234 -22.02 -14.37 1.42
C VAL C 234 -21.26 -15.30 0.48
N LEU C 235 -21.04 -14.85 -0.76
CA LEU C 235 -20.41 -15.70 -1.76
C LEU C 235 -19.01 -16.11 -1.32
N LYS C 236 -18.21 -15.13 -0.89
CA LYS C 236 -16.93 -15.40 -0.25
C LYS C 236 -17.05 -16.52 0.77
N GLN C 237 -18.02 -16.37 1.69
CA GLN C 237 -18.10 -17.24 2.84
C GLN C 237 -18.36 -18.68 2.43
N GLU C 238 -19.04 -18.93 1.32
CA GLU C 238 -19.21 -20.31 0.87
C GLU C 238 -18.09 -20.77 -0.06
N LYS C 239 -17.00 -20.01 -0.15
CA LYS C 239 -15.83 -20.37 -0.95
C LYS C 239 -16.18 -20.48 -2.42
N ILE C 240 -17.23 -19.76 -2.82
CA ILE C 240 -17.62 -19.69 -4.22
C ILE C 240 -16.68 -18.75 -4.97
N ILE C 241 -16.21 -17.68 -4.34
CA ILE C 241 -15.21 -16.81 -4.94
C ILE C 241 -14.23 -16.36 -3.88
N PRO C 242 -12.95 -16.20 -4.27
CA PRO C 242 -12.07 -15.50 -3.34
C PRO C 242 -12.56 -14.08 -3.16
N TRP D 2 38.94 17.34 -30.41
CA TRP D 2 37.54 17.27 -30.83
C TRP D 2 37.33 16.56 -32.18
N GLN D 3 36.10 16.65 -32.70
CA GLN D 3 35.70 16.12 -34.01
C GLN D 3 34.34 16.73 -34.38
N GLU D 4 34.01 16.68 -35.66
CA GLU D 4 32.73 17.16 -36.14
C GLU D 4 31.94 16.02 -36.77
N ASN D 5 30.63 16.20 -36.81
CA ASN D 5 29.69 15.27 -37.43
C ASN D 5 28.49 16.09 -37.85
N LYS D 6 28.27 16.25 -39.15
CA LYS D 6 27.17 17.12 -39.59
C LYS D 6 25.85 16.39 -39.75
N SER D 7 25.84 15.06 -39.68
CA SER D 7 24.58 14.34 -39.87
C SER D 7 23.53 14.81 -38.87
N TRP D 8 23.93 15.09 -37.63
CA TRP D 8 23.00 15.53 -36.61
C TRP D 8 22.15 16.70 -37.10
N ASN D 9 22.64 17.45 -38.09
CA ASN D 9 21.91 18.60 -38.65
C ASN D 9 20.48 18.24 -39.04
N ALA D 10 20.22 16.97 -39.37
CA ALA D 10 18.90 16.60 -39.83
C ALA D 10 17.86 16.84 -38.75
N HIS D 11 18.26 16.64 -37.49
CA HIS D 11 17.31 16.71 -36.39
C HIS D 11 16.81 18.14 -36.15
N PHE D 12 17.68 19.15 -36.33
CA PHE D 12 17.22 20.54 -36.26
C PHE D 12 16.41 20.93 -37.48
N THR D 13 16.59 20.22 -38.59
CA THR D 13 15.92 20.56 -39.84
C THR D 13 14.49 20.04 -39.87
N GLU D 14 14.30 18.74 -39.62
CA GLU D 14 12.95 18.17 -39.68
C GLU D 14 12.04 18.81 -38.63
N HIS D 15 12.56 19.74 -37.83
CA HIS D 15 11.76 20.55 -36.94
C HIS D 15 11.73 22.03 -37.30
N LYS D 16 12.63 22.50 -38.17
CA LYS D 16 12.63 23.88 -38.68
C LYS D 16 13.33 24.85 -37.73
N SER D 17 14.41 24.41 -37.08
CA SER D 17 15.15 25.22 -36.13
C SER D 17 16.63 25.22 -36.48
N GLN D 18 17.42 25.96 -35.71
CA GLN D 18 18.85 26.02 -35.90
C GLN D 18 19.53 26.05 -34.55
N GLY D 19 20.40 25.08 -34.32
CA GLY D 19 21.17 25.06 -33.10
C GLY D 19 22.28 24.04 -33.19
N VAL D 20 23.07 23.98 -32.12
CA VAL D 20 24.21 23.08 -32.01
C VAL D 20 23.99 22.13 -30.83
N VAL D 21 24.55 20.93 -30.95
CA VAL D 21 24.70 20.01 -29.84
C VAL D 21 26.18 19.63 -29.71
N VAL D 22 26.67 19.56 -28.48
CA VAL D 22 28.05 19.15 -28.19
C VAL D 22 28.04 18.02 -27.16
N LEU D 23 28.79 16.96 -27.42
CA LEU D 23 28.93 15.78 -26.55
C LEU D 23 30.38 15.61 -26.14
N TRP D 24 30.59 14.78 -25.11
CA TRP D 24 31.94 14.48 -24.66
C TRP D 24 31.95 13.15 -23.91
N ASN D 25 32.66 12.17 -24.45
CA ASN D 25 32.85 10.85 -23.83
C ASN D 25 33.96 10.91 -22.80
N GLU D 26 33.62 10.71 -21.52
CA GLU D 26 34.64 10.95 -20.48
C GLU D 26 35.66 9.81 -20.42
N ASN D 27 35.21 8.57 -20.57
CA ASN D 27 36.15 7.44 -20.58
C ASN D 27 37.19 7.57 -21.66
N LYS D 28 36.79 8.04 -22.84
CA LYS D 28 37.63 8.05 -24.01
C LYS D 28 38.33 9.38 -24.24
N GLN D 29 37.83 10.45 -23.61
CA GLN D 29 38.38 11.79 -23.78
C GLN D 29 38.27 12.20 -25.25
N GLN D 30 37.02 12.37 -25.67
CA GLN D 30 36.70 12.68 -27.05
C GLN D 30 35.43 13.49 -27.12
N GLY D 31 35.40 14.49 -28.01
CA GLY D 31 34.23 15.29 -28.24
C GLY D 31 33.72 15.15 -29.67
N PHE D 32 32.49 15.64 -29.87
CA PHE D 32 31.74 15.49 -31.10
C PHE D 32 30.77 16.65 -31.16
N THR D 33 30.33 17.00 -32.37
CA THR D 33 29.43 18.15 -32.50
C THR D 33 29.04 18.34 -33.97
N ASN D 34 27.93 19.06 -34.18
CA ASN D 34 27.36 19.32 -35.51
C ASN D 34 27.81 20.63 -36.12
N ASN D 35 28.61 21.43 -35.41
CA ASN D 35 29.03 22.76 -35.83
C ASN D 35 30.05 23.30 -34.85
N LEU D 36 31.34 23.25 -35.22
CA LEU D 36 32.38 23.64 -34.29
C LEU D 36 32.36 25.13 -34.02
N LYS D 37 31.79 25.91 -34.93
CA LYS D 37 31.83 27.36 -34.87
C LYS D 37 30.73 27.95 -33.98
N ARG D 38 29.53 27.34 -33.96
CA ARG D 38 28.59 27.69 -32.89
C ARG D 38 28.96 27.01 -31.58
N ALA D 39 29.67 25.87 -31.65
CA ALA D 39 30.14 25.20 -30.45
C ALA D 39 30.95 26.14 -29.58
N ASN D 40 31.84 26.95 -30.17
CA ASN D 40 32.67 27.86 -29.40
C ASN D 40 32.16 29.30 -29.43
N GLN D 41 31.06 29.55 -30.13
CA GLN D 41 30.43 30.87 -30.05
C GLN D 41 29.73 31.04 -28.72
N ALA D 42 30.03 32.13 -28.01
CA ALA D 42 29.63 32.30 -26.62
C ALA D 42 28.43 33.24 -26.49
N PHE D 43 27.45 32.85 -25.66
CA PHE D 43 26.20 33.57 -25.47
C PHE D 43 25.96 33.91 -24.00
N LEU D 44 24.89 34.64 -23.78
CA LEU D 44 24.37 34.82 -22.43
C LEU D 44 23.97 33.46 -21.83
N PRO D 45 24.32 33.18 -20.57
CA PRO D 45 23.93 31.88 -20.00
C PRO D 45 22.44 31.80 -19.65
N ALA D 46 21.81 32.90 -19.28
CA ALA D 46 20.38 32.93 -18.86
C ALA D 46 20.26 32.03 -17.64
N SER D 47 19.28 31.11 -17.58
CA SER D 47 19.05 30.33 -16.36
C SER D 47 20.03 29.17 -16.19
N THR D 48 20.85 28.84 -17.19
CA THR D 48 21.91 27.88 -16.88
C THR D 48 22.86 28.44 -15.82
N PHE D 49 22.82 29.75 -15.55
CA PHE D 49 23.71 30.37 -14.58
C PHE D 49 23.26 30.01 -13.16
N ILE D 51 23.32 27.13 -11.93
CA ILE D 51 24.32 26.14 -11.34
C ILE D 51 25.44 26.85 -10.53
N PRO D 52 26.24 27.76 -11.15
CA PRO D 52 27.24 28.48 -10.34
C PRO D 52 26.65 29.30 -9.19
N ASN D 53 25.51 29.97 -9.42
CA ASN D 53 24.90 30.80 -8.37
C ASN D 53 24.52 29.96 -7.16
N SER D 54 23.93 28.78 -7.37
CA SER D 54 23.65 27.86 -6.26
C SER D 54 24.93 27.50 -5.51
N LEU D 55 25.97 27.08 -6.23
CA LEU D 55 27.22 26.70 -5.58
C LEU D 55 27.74 27.83 -4.68
N ILE D 56 27.71 29.06 -5.17
CA ILE D 56 28.25 30.19 -4.41
C ILE D 56 27.38 30.46 -3.17
N ALA D 57 26.05 30.51 -3.35
CA ALA D 57 25.14 30.76 -2.22
C ALA D 57 25.31 29.76 -1.10
N LEU D 58 25.37 28.46 -1.42
CA LEU D 58 25.57 27.43 -0.39
C LEU D 58 26.93 27.59 0.29
N ASP D 59 27.99 27.80 -0.50
CA ASP D 59 29.33 27.84 0.11
C ASP D 59 29.42 29.00 1.10
N LEU D 60 28.69 30.11 0.86
CA LEU D 60 28.76 31.28 1.72
C LEU D 60 27.71 31.36 2.82
N GLY D 61 26.79 30.38 2.91
CA GLY D 61 25.73 30.42 3.90
C GLY D 61 24.51 31.25 3.51
N VAL D 62 24.49 31.83 2.31
CA VAL D 62 23.28 32.50 1.82
C VAL D 62 22.11 31.51 1.75
N VAL D 63 22.40 30.22 1.47
CA VAL D 63 21.42 29.12 1.48
C VAL D 63 21.96 28.06 2.44
N LYS D 64 21.20 27.77 3.49
CA LYS D 64 21.70 26.87 4.51
C LYS D 64 21.67 25.40 4.09
N ASP D 65 20.67 25.01 3.29
CA ASP D 65 20.52 23.64 2.80
C ASP D 65 19.39 23.66 1.75
N GLU D 66 19.05 22.47 1.24
CA GLU D 66 18.11 22.33 0.12
C GLU D 66 16.64 22.37 0.53
N HIS D 67 16.34 22.47 1.85
CA HIS D 67 14.98 22.52 2.38
C HIS D 67 14.53 23.91 2.84
N GLN D 68 15.46 24.82 3.12
CA GLN D 68 15.12 26.20 3.49
C GLN D 68 14.07 26.75 2.55
N VAL D 69 13.08 27.43 3.11
CA VAL D 69 11.98 27.98 2.33
C VAL D 69 12.23 29.46 2.03
N PHE D 70 12.10 29.81 0.76
CA PHE D 70 12.17 31.21 0.32
C PHE D 70 10.76 31.64 -0.05
N LYS D 71 10.12 32.37 0.89
CA LYS D 71 8.74 32.84 0.78
C LYS D 71 8.52 33.76 -0.43
N TRP D 72 7.37 33.58 -1.08
CA TRP D 72 6.90 34.48 -2.14
C TRP D 72 6.93 35.91 -1.64
N ASP D 73 7.27 36.87 -2.52
CA ASP D 73 7.33 38.29 -2.09
C ASP D 73 5.96 38.96 -2.13
N GLY D 74 4.93 38.29 -2.66
CA GLY D 74 3.59 38.82 -2.70
C GLY D 74 3.27 39.52 -3.99
N GLN D 75 4.21 39.60 -4.92
CA GLN D 75 4.03 40.33 -6.17
C GLN D 75 3.67 39.35 -7.28
N THR D 76 2.57 39.61 -7.99
CA THR D 76 2.08 38.67 -8.99
C THR D 76 2.82 38.89 -10.30
N ARG D 77 3.64 37.90 -10.69
CA ARG D 77 4.37 37.91 -11.95
C ARG D 77 3.64 37.08 -13.00
N ASP D 78 4.18 37.09 -14.23
CA ASP D 78 3.44 36.51 -15.36
C ASP D 78 3.53 34.99 -15.43
N ILE D 79 4.60 34.39 -14.92
CA ILE D 79 4.73 32.93 -14.91
C ILE D 79 4.14 32.43 -13.60
N ALA D 80 2.97 31.78 -13.70
CA ALA D 80 2.23 31.38 -12.51
C ALA D 80 3.10 30.62 -11.51
N THR D 81 3.94 29.69 -11.98
CA THR D 81 4.69 28.85 -11.04
C THR D 81 5.64 29.66 -10.16
N TRP D 82 5.95 30.91 -10.53
CA TRP D 82 6.81 31.75 -9.68
C TRP D 82 6.08 32.37 -8.49
N ASN D 83 4.74 32.33 -8.46
CA ASN D 83 3.98 33.01 -7.40
C ASN D 83 3.56 32.05 -6.29
N ARG D 84 4.57 31.47 -5.64
CA ARG D 84 4.41 30.56 -4.51
C ARG D 84 5.73 30.50 -3.76
N ASP D 85 5.74 29.81 -2.62
CA ASP D 85 6.96 29.55 -1.83
C ASP D 85 7.87 28.55 -2.57
N HIS D 86 9.19 28.66 -2.38
CA HIS D 86 10.09 27.70 -3.04
C HIS D 86 11.22 27.24 -2.12
N ASN D 87 11.85 26.10 -2.49
CA ASN D 87 13.19 25.73 -1.98
C ASN D 87 14.19 25.56 -3.14
N LEU D 88 15.43 25.19 -2.83
CA LEU D 88 16.44 25.06 -3.89
C LEU D 88 15.99 24.03 -4.94
N ILE D 89 15.40 22.92 -4.52
CA ILE D 89 15.02 21.91 -5.52
C ILE D 89 14.04 22.49 -6.55
N THR D 90 12.92 23.07 -6.07
CA THR D 90 11.91 23.59 -6.97
C THR D 90 12.31 24.93 -7.62
N ALA D 91 13.21 25.72 -7.02
CA ALA D 91 13.66 26.93 -7.73
C ALA D 91 14.51 26.59 -8.96
N MET D 92 15.36 25.56 -8.87
CA MET D 92 16.01 25.05 -10.07
C MET D 92 15.01 24.56 -11.11
N LYS D 93 14.03 23.73 -10.67
CA LYS D 93 13.07 23.06 -11.56
C LYS D 93 12.24 24.04 -12.39
N TYR D 94 11.72 25.11 -11.77
CA TYR D 94 10.85 26.04 -12.46
C TYR D 94 11.58 27.36 -12.80
N SER D 95 12.90 27.37 -12.79
CA SER D 95 13.75 28.54 -13.10
C SER D 95 13.20 29.85 -12.52
N VAL D 96 13.14 29.94 -11.19
CA VAL D 96 12.47 31.01 -10.47
C VAL D 96 13.44 32.19 -10.26
N VAL D 97 13.28 33.26 -11.03
CA VAL D 97 14.24 34.37 -11.09
C VAL D 97 14.28 35.20 -9.80
N PRO D 98 13.13 35.63 -9.26
CA PRO D 98 13.19 36.47 -8.06
C PRO D 98 13.79 35.79 -6.84
N VAL D 99 13.80 34.46 -6.77
CA VAL D 99 14.59 33.85 -5.69
C VAL D 99 16.10 34.02 -5.93
N TYR D 100 16.55 33.85 -7.17
CA TYR D 100 17.98 33.90 -7.41
C TYR D 100 18.50 35.34 -7.49
N GLN D 101 17.64 36.30 -7.85
CA GLN D 101 18.02 37.69 -7.75
C GLN D 101 18.30 38.06 -6.30
N GLU D 102 17.49 37.59 -5.37
CA GLU D 102 17.77 37.88 -3.96
C GLU D 102 19.07 37.23 -3.49
N PHE D 103 19.35 35.98 -3.92
CA PHE D 103 20.64 35.36 -3.66
C PHE D 103 21.77 36.26 -4.16
N ALA D 104 21.69 36.66 -5.43
CA ALA D 104 22.76 37.43 -6.07
C ALA D 104 23.01 38.77 -5.39
N ARG D 105 21.93 39.44 -4.93
CA ARG D 105 22.06 40.64 -4.11
C ARG D 105 22.83 40.37 -2.83
N GLN D 106 22.59 39.22 -2.22
CA GLN D 106 23.25 38.83 -0.98
C GLN D 106 24.74 38.56 -1.16
N ILE D 107 25.10 37.88 -2.24
CA ILE D 107 26.49 37.48 -2.41
C ILE D 107 27.37 38.72 -2.46
N GLY D 108 26.98 39.70 -3.26
CA GLY D 108 27.81 40.88 -3.46
C GLY D 108 28.57 40.85 -4.78
N GLU D 109 28.65 42.01 -5.45
CA GLU D 109 29.35 42.09 -6.74
C GLU D 109 30.76 41.53 -6.65
N ALA D 110 31.41 41.68 -5.50
CA ALA D 110 32.81 41.33 -5.36
C ALA D 110 33.02 39.85 -5.07
N ARG D 111 32.22 39.29 -4.17
CA ARG D 111 32.31 37.85 -3.95
C ARG D 111 31.90 37.08 -5.19
N MET D 112 30.85 37.55 -5.88
CA MET D 112 30.51 36.93 -7.15
C MET D 112 31.73 36.87 -8.06
N SER D 113 32.28 38.05 -8.41
CA SER D 113 33.36 38.11 -9.40
C SER D 113 34.54 37.23 -9.01
N LYS D 114 34.94 37.25 -7.74
CA LYS D 114 36.04 36.41 -7.30
C LYS D 114 35.75 34.93 -7.59
N MET D 115 34.51 34.48 -7.31
CA MET D 115 34.19 33.07 -7.49
C MET D 115 34.25 32.68 -8.96
N LEU D 116 33.64 33.47 -9.83
CA LEU D 116 33.70 33.13 -11.25
C LEU D 116 35.12 33.18 -11.82
N HIS D 117 36.08 33.92 -11.21
CA HIS D 117 37.50 33.79 -11.59
C HIS D 117 38.02 32.43 -11.22
N ALA D 118 37.87 32.06 -9.94
CA ALA D 118 38.28 30.73 -9.48
C ALA D 118 37.71 29.60 -10.34
N PHE D 119 36.45 29.70 -10.76
CA PHE D 119 35.78 28.66 -11.54
C PHE D 119 36.22 28.64 -12.99
N ASP D 120 36.99 29.63 -13.43
CA ASP D 120 37.26 29.93 -14.83
C ASP D 120 36.02 29.79 -15.69
N TYR D 121 34.97 30.47 -15.26
CA TYR D 121 33.65 30.36 -15.85
C TYR D 121 33.51 31.36 -16.99
N GLY D 122 33.52 30.87 -18.23
CA GLY D 122 33.31 31.74 -19.37
C GLY D 122 34.36 32.85 -19.39
N ASN D 123 33.90 34.09 -19.59
CA ASN D 123 34.73 35.29 -19.61
C ASN D 123 35.00 35.86 -18.22
N GLU D 124 34.45 35.28 -17.16
CA GLU D 124 34.74 35.68 -15.77
C GLU D 124 34.32 37.14 -15.50
N ASP D 125 33.36 37.68 -16.28
CA ASP D 125 33.02 39.11 -16.30
C ASP D 125 31.55 39.35 -15.97
N ILE D 126 31.30 40.04 -14.85
CA ILE D 126 29.94 40.24 -14.33
C ILE D 126 29.40 41.64 -14.64
N SER D 127 29.95 42.31 -15.64
CA SER D 127 29.51 43.67 -15.94
C SER D 127 27.99 43.74 -16.05
N GLY D 128 27.37 44.59 -15.23
CA GLY D 128 25.97 44.95 -15.37
C GLY D 128 25.28 45.08 -14.03
N ASN D 129 23.95 44.93 -14.04
CA ASN D 129 23.22 44.84 -12.79
C ASN D 129 23.68 43.60 -12.04
N VAL D 130 23.92 43.76 -10.74
CA VAL D 130 24.32 42.67 -9.88
C VAL D 130 23.24 41.60 -9.74
N ASP D 131 22.00 41.89 -10.16
CA ASP D 131 20.87 40.98 -10.04
C ASP D 131 20.24 40.67 -11.39
N SER D 132 20.95 40.92 -12.48
CA SER D 132 20.42 40.56 -13.79
C SER D 132 21.49 40.47 -14.86
N PHE D 133 22.77 40.50 -14.49
CA PHE D 133 23.81 40.54 -15.51
C PHE D 133 23.82 39.28 -16.37
N TRP D 134 23.40 38.13 -15.79
CA TRP D 134 23.39 36.89 -16.56
C TRP D 134 22.25 36.85 -17.57
N LEU D 135 21.24 37.71 -17.40
CA LEU D 135 20.13 37.87 -18.34
C LEU D 135 20.27 39.07 -19.29
N ASP D 136 20.69 40.23 -18.79
CA ASP D 136 20.96 41.44 -19.60
C ASP D 136 22.32 42.02 -19.17
N GLY D 137 23.41 41.41 -19.62
CA GLY D 137 24.72 41.83 -19.16
C GLY D 137 25.88 41.36 -20.01
N GLY D 138 27.07 41.40 -19.40
CA GLY D 138 28.32 41.21 -20.11
C GLY D 138 28.88 39.80 -20.15
N ILE D 139 28.42 38.94 -19.23
CA ILE D 139 29.01 37.61 -19.14
C ILE D 139 28.66 36.82 -20.39
N ARG D 140 29.61 35.99 -20.84
CA ARG D 140 29.41 35.12 -22.00
C ARG D 140 30.05 33.75 -21.72
N ILE D 141 29.51 32.72 -22.36
CA ILE D 141 30.01 31.36 -22.22
C ILE D 141 29.49 30.54 -23.40
N SER D 142 30.28 29.57 -23.83
CA SER D 142 29.95 28.80 -25.01
C SER D 142 29.56 27.37 -24.63
N ALA D 143 29.05 26.65 -25.62
CA ALA D 143 28.73 25.23 -25.44
C ALA D 143 29.93 24.43 -24.94
N THR D 144 31.10 24.62 -25.57
CA THR D 144 32.27 23.83 -25.18
C THR D 144 32.81 24.26 -23.81
N GLU D 145 32.69 25.55 -23.47
CA GLU D 145 33.05 26.00 -22.14
C GLU D 145 32.09 25.46 -21.07
N GLN D 146 30.82 25.26 -21.40
CA GLN D 146 29.90 24.68 -20.42
C GLN D 146 30.42 23.31 -19.95
N ILE D 147 30.87 22.49 -20.90
CA ILE D 147 31.32 21.13 -20.57
C ILE D 147 32.50 21.13 -19.60
N SER D 148 33.41 22.09 -19.73
CA SER D 148 34.61 22.07 -18.89
C SER D 148 34.27 22.43 -17.45
N PHE D 149 33.36 23.39 -17.25
CA PHE D 149 32.82 23.69 -15.92
C PHE D 149 32.11 22.47 -15.32
N LEU D 150 31.27 21.79 -16.12
CA LEU D 150 30.50 20.64 -15.61
C LEU D 150 31.39 19.46 -15.24
N ARG D 151 32.44 19.21 -16.05
CA ARG D 151 33.37 18.13 -15.72
C ARG D 151 34.00 18.32 -14.34
N LYS D 152 34.37 19.56 -13.99
CA LYS D 152 34.98 19.82 -12.69
C LYS D 152 33.98 19.61 -11.55
N LEU D 153 32.72 19.97 -11.79
CA LEU D 153 31.68 19.77 -10.76
C LEU D 153 31.44 18.29 -10.52
N TYR D 154 31.30 17.50 -11.59
CA TYR D 154 31.20 16.05 -11.42
C TYR D 154 32.26 15.49 -10.47
N HIS D 155 33.52 15.96 -10.60
CA HIS D 155 34.65 15.37 -9.90
C HIS D 155 34.92 16.03 -8.54
N ASN D 156 34.05 16.91 -8.05
CA ASN D 156 34.24 17.65 -6.80
C ASN D 156 35.56 18.41 -6.76
N LYS D 157 35.94 18.99 -7.90
CA LYS D 157 37.20 19.72 -7.95
C LYS D 157 37.05 21.22 -7.87
N LEU D 158 35.84 21.77 -8.05
CA LEU D 158 35.68 23.22 -7.96
C LEU D 158 36.20 23.68 -6.61
N HIS D 159 36.50 24.97 -6.50
CA HIS D 159 37.09 25.50 -5.27
C HIS D 159 36.00 25.97 -4.30
N VAL D 160 35.12 25.01 -3.95
CA VAL D 160 34.14 25.15 -2.89
C VAL D 160 34.08 23.82 -2.15
N SER D 161 33.40 23.79 -1.01
CA SER D 161 33.27 22.57 -0.21
C SER D 161 32.72 21.40 -1.04
N GLU D 162 33.12 20.17 -0.67
CA GLU D 162 32.54 18.97 -1.26
C GLU D 162 31.01 18.94 -1.05
N ARG D 163 30.56 19.31 0.17
CA ARG D 163 29.13 19.33 0.50
C ARG D 163 28.33 20.26 -0.40
N SER D 164 28.86 21.46 -0.73
CA SER D 164 28.19 22.35 -1.69
C SER D 164 27.99 21.68 -3.05
N GLN D 165 29.03 21.03 -3.54
CA GLN D 165 28.97 20.38 -4.85
C GLN D 165 27.99 19.19 -4.87
N ARG D 166 27.94 18.39 -3.79
CA ARG D 166 26.96 17.26 -3.71
C ARG D 166 25.51 17.78 -3.72
N ILE D 167 25.23 18.85 -2.96
CA ILE D 167 23.86 19.36 -2.88
C ILE D 167 23.40 19.90 -4.24
N VAL D 168 24.27 20.62 -4.96
CA VAL D 168 23.87 21.15 -6.27
C VAL D 168 23.60 20.02 -7.27
N LYS D 169 24.39 18.94 -7.20
CA LYS D 169 24.20 17.81 -8.12
C LYS D 169 22.86 17.09 -7.84
N GLN D 170 22.52 16.90 -6.56
CA GLN D 170 21.15 16.53 -6.18
C GLN D 170 20.12 17.44 -6.84
N ALA D 171 20.26 18.76 -6.65
CA ALA D 171 19.24 19.70 -7.15
C ALA D 171 19.16 19.76 -8.68
N MET D 172 20.16 19.25 -9.38
CA MET D 172 20.10 19.12 -10.85
C MET D 172 19.35 17.86 -11.35
N LEU D 173 18.99 16.93 -10.47
CA LEU D 173 18.28 15.73 -10.91
C LEU D 173 17.08 16.08 -11.79
N THR D 174 17.06 15.47 -12.97
CA THR D 174 16.00 15.71 -13.94
C THR D 174 15.29 14.41 -14.39
N GLU D 175 16.01 13.30 -14.54
CA GLU D 175 15.34 12.08 -15.02
C GLU D 175 16.19 10.88 -14.62
N ALA D 176 15.52 9.75 -14.34
CA ALA D 176 16.28 8.55 -13.99
C ALA D 176 15.39 7.33 -14.19
N ASN D 177 16.02 6.24 -14.57
CA ASN D 177 15.32 4.97 -14.79
C ASN D 177 16.37 3.86 -14.77
N GLY D 178 16.00 2.67 -15.27
CA GLY D 178 16.87 1.50 -15.19
C GLY D 178 18.06 1.54 -16.12
N ASP D 179 18.10 2.51 -17.05
CA ASP D 179 19.15 2.59 -18.04
C ASP D 179 20.11 3.77 -17.82
N TYR D 180 19.62 4.94 -17.41
CA TYR D 180 20.47 6.13 -17.30
C TYR D 180 19.93 7.12 -16.26
N ILE D 181 20.82 8.00 -15.76
CA ILE D 181 20.46 9.19 -14.96
C ILE D 181 20.89 10.46 -15.69
N ILE D 182 19.99 11.43 -15.81
CA ILE D 182 20.32 12.75 -16.37
C ILE D 182 20.27 13.80 -15.27
N ARG D 183 21.38 14.56 -15.14
CA ARG D 183 21.50 15.76 -14.31
C ARG D 183 21.82 16.96 -15.22
N ALA D 184 20.95 17.98 -15.20
CA ALA D 184 20.92 19.02 -16.23
C ALA D 184 20.26 20.29 -15.69
N LYS D 185 20.38 21.36 -16.50
CA LYS D 185 19.66 22.60 -16.29
C LYS D 185 19.23 23.24 -17.61
N THR D 186 18.02 23.77 -17.62
CA THR D 186 17.41 24.47 -18.75
C THR D 186 17.65 25.98 -18.65
N GLY D 187 17.45 26.68 -19.77
CA GLY D 187 17.58 28.13 -19.78
C GLY D 187 16.98 28.75 -21.02
N TYR D 188 16.54 30.01 -20.89
CA TYR D 188 15.84 30.74 -21.96
C TYR D 188 16.24 32.21 -21.89
N SER D 189 16.95 32.71 -22.92
CA SER D 189 17.34 34.12 -22.98
C SER D 189 16.29 34.90 -23.77
N THR D 190 15.66 35.87 -23.10
CA THR D 190 14.54 36.62 -23.66
C THR D 190 14.68 38.13 -23.58
N ARG D 191 15.70 38.65 -22.89
CA ARG D 191 15.91 40.09 -22.75
C ARG D 191 16.75 40.67 -23.88
N ILE D 192 17.44 39.84 -24.65
CA ILE D 192 18.26 40.31 -25.75
C ILE D 192 18.18 39.30 -26.88
N GLU D 193 18.48 39.75 -28.09
CA GLU D 193 18.67 38.84 -29.20
C GLU D 193 20.16 38.43 -29.28
N PRO D 194 20.47 37.28 -29.88
CA PRO D 194 19.46 36.32 -30.33
C PRO D 194 18.68 35.74 -29.14
N LYS D 195 17.50 35.18 -29.40
CA LYS D 195 16.65 34.58 -28.38
C LYS D 195 16.84 33.06 -28.48
N ILE D 196 17.73 32.51 -27.65
CA ILE D 196 18.08 31.09 -27.73
C ILE D 196 17.52 30.32 -26.53
N GLY D 197 17.58 29.00 -26.63
CA GLY D 197 17.32 28.12 -25.49
C GLY D 197 18.50 27.20 -25.25
N TRP D 198 18.81 26.97 -23.97
CA TRP D 198 19.87 26.09 -23.51
C TRP D 198 19.31 24.80 -22.91
N TRP D 199 20.15 23.75 -22.93
CA TRP D 199 20.06 22.59 -22.04
C TRP D 199 21.47 22.00 -21.89
N VAL D 200 22.00 21.94 -20.66
CA VAL D 200 23.33 21.38 -20.40
C VAL D 200 23.32 20.50 -19.14
N GLY D 201 24.15 19.46 -19.17
CA GLY D 201 24.25 18.49 -18.07
C GLY D 201 25.03 17.27 -18.52
N TRP D 202 24.68 16.09 -17.94
CA TRP D 202 25.35 14.83 -18.26
C TRP D 202 24.46 13.61 -18.02
N VAL D 203 24.86 12.49 -18.65
CA VAL D 203 24.16 11.20 -18.58
C VAL D 203 25.08 10.21 -17.87
N GLU D 204 24.63 9.70 -16.73
CA GLU D 204 25.37 8.65 -16.05
C GLU D 204 24.84 7.28 -16.48
N LEU D 205 25.77 6.38 -16.76
CA LEU D 205 25.55 4.97 -17.06
C LEU D 205 26.27 4.14 -16.01
N ASP D 206 26.08 2.81 -16.08
CA ASP D 206 26.76 1.92 -15.14
C ASP D 206 28.28 2.12 -15.17
N ASP D 207 28.83 2.49 -16.33
CA ASP D 207 30.28 2.40 -16.49
C ASP D 207 30.90 3.57 -17.25
N ASN D 208 30.16 4.64 -17.51
CA ASN D 208 30.72 5.77 -18.25
C ASN D 208 29.75 6.93 -18.10
N VAL D 209 30.23 8.14 -18.34
CA VAL D 209 29.36 9.31 -18.35
C VAL D 209 29.65 10.18 -19.57
N TRP D 210 28.59 10.73 -20.15
CA TRP D 210 28.63 11.60 -21.33
C TRP D 210 28.09 13.00 -20.99
N PHE D 211 28.96 14.00 -21.12
CA PHE D 211 28.52 15.36 -20.89
C PHE D 211 27.92 15.94 -22.18
N PHE D 212 27.03 16.93 -22.02
CA PHE D 212 26.40 17.53 -23.18
C PHE D 212 26.11 19.01 -22.94
N ALA D 213 25.91 19.73 -24.04
CA ALA D 213 25.63 21.15 -24.03
C ALA D 213 25.05 21.51 -25.38
N MET D 214 23.87 22.15 -25.39
CA MET D 214 23.17 22.45 -26.62
C MET D 214 22.52 23.82 -26.50
N ASN D 215 22.49 24.56 -27.62
CA ASN D 215 21.79 25.83 -27.71
C ASN D 215 21.06 25.87 -29.05
N MET D 216 20.00 26.68 -29.14
CA MET D 216 19.16 26.62 -30.33
C MET D 216 18.33 27.89 -30.48
N ASP D 217 18.14 28.30 -31.74
CA ASP D 217 17.26 29.41 -32.08
C ASP D 217 15.87 29.18 -31.52
N MET D 218 15.41 30.08 -30.64
CA MET D 218 14.10 29.94 -30.00
C MET D 218 13.34 31.25 -30.02
N PRO D 219 12.59 31.54 -31.10
CA PRO D 219 11.83 32.79 -31.13
C PRO D 219 10.78 32.89 -30.04
N THR D 220 9.99 31.84 -29.83
CA THR D 220 8.82 31.90 -28.97
C THR D 220 8.75 30.66 -28.10
N SER D 221 7.97 30.76 -27.03
CA SER D 221 7.94 29.72 -26.02
C SER D 221 7.15 28.50 -26.45
N ASP D 222 6.89 28.31 -27.74
CA ASP D 222 6.20 27.13 -28.25
C ASP D 222 7.13 26.02 -28.67
N GLY D 223 8.41 26.31 -28.89
CA GLY D 223 9.35 25.28 -29.31
C GLY D 223 10.31 24.94 -28.18
N LEU D 224 9.96 25.35 -26.95
CA LEU D 224 10.85 25.09 -25.83
C LEU D 224 11.08 23.57 -25.62
N GLY D 225 10.09 22.74 -25.94
CA GLY D 225 10.24 21.30 -25.82
C GLY D 225 11.24 20.69 -26.77
N LEU D 226 11.64 21.42 -27.80
CA LEU D 226 12.59 20.91 -28.78
C LEU D 226 13.98 20.73 -28.18
N ARG D 227 14.35 21.52 -27.18
CA ARG D 227 15.67 21.35 -26.57
C ARG D 227 15.89 19.89 -26.20
N GLN D 228 15.02 19.36 -25.33
CA GLN D 228 15.17 18.00 -24.80
C GLN D 228 14.97 16.95 -25.86
N ALA D 229 14.05 17.20 -26.79
CA ALA D 229 13.80 16.23 -27.85
C ALA D 229 14.99 16.15 -28.80
N ILE D 230 15.44 17.30 -29.35
CA ILE D 230 16.53 17.28 -30.31
C ILE D 230 17.78 16.68 -29.66
N THR D 231 18.05 17.04 -28.41
CA THR D 231 19.15 16.44 -27.67
C THR D 231 19.02 14.92 -27.61
N LYS D 232 17.82 14.41 -27.32
CA LYS D 232 17.64 12.99 -27.07
C LYS D 232 17.67 12.15 -28.36
N GLU D 233 17.33 12.74 -29.51
CA GLU D 233 17.48 12.01 -30.76
C GLU D 233 18.94 11.81 -31.14
N VAL D 234 19.82 12.76 -30.81
CA VAL D 234 21.26 12.57 -31.04
C VAL D 234 21.79 11.41 -30.20
N LEU D 235 21.42 11.38 -28.90
CA LEU D 235 21.91 10.33 -28.00
C LEU D 235 21.46 8.95 -28.47
N LYS D 236 20.23 8.86 -28.99
CA LYS D 236 19.76 7.60 -29.54
C LYS D 236 20.53 7.21 -30.79
N GLN D 237 20.89 8.19 -31.61
CA GLN D 237 21.72 7.91 -32.79
C GLN D 237 23.07 7.37 -32.38
N GLU D 238 23.74 8.04 -31.45
CA GLU D 238 25.05 7.60 -31.00
C GLU D 238 24.98 6.46 -29.99
N LYS D 239 23.80 5.87 -29.78
CA LYS D 239 23.68 4.65 -28.94
C LYS D 239 24.04 4.90 -27.49
N ILE D 240 23.86 6.13 -27.00
CA ILE D 240 24.12 6.40 -25.59
C ILE D 240 22.93 5.99 -24.72
N ILE D 241 21.71 6.08 -25.28
CA ILE D 241 20.48 5.60 -24.63
C ILE D 241 19.66 4.81 -25.65
N PRO D 242 18.79 3.89 -25.17
CA PRO D 242 18.12 2.93 -26.06
C PRO D 242 16.99 3.53 -26.91
#